data_1KFN
# 
_entry.id   1KFN 
# 
_audit_conform.dict_name       mmcif_pdbx.dic 
_audit_conform.dict_version    5.386 
_audit_conform.dict_location   http://mmcif.pdb.org/dictionaries/ascii/mmcif_pdbx.dic 
# 
loop_
_database_2.database_id 
_database_2.database_code 
_database_2.pdbx_database_accession 
_database_2.pdbx_DOI 
PDB   1KFN         pdb_00001kfn 10.2210/pdb1kfn/pdb 
RCSB  RCSB014905   ?            ?                   
WWPDB D_1000014905 ?            ?                   
# 
loop_
_pdbx_audit_revision_history.ordinal 
_pdbx_audit_revision_history.data_content_type 
_pdbx_audit_revision_history.major_revision 
_pdbx_audit_revision_history.minor_revision 
_pdbx_audit_revision_history.revision_date 
1 'Structure model' 1 0 2002-06-28 
2 'Structure model' 1 1 2008-04-27 
3 'Structure model' 1 2 2011-07-13 
4 'Structure model' 1 3 2021-10-27 
5 'Structure model' 1 4 2024-02-07 
# 
_pdbx_audit_revision_details.ordinal             1 
_pdbx_audit_revision_details.revision_ordinal    1 
_pdbx_audit_revision_details.data_content_type   'Structure model' 
_pdbx_audit_revision_details.provider            repository 
_pdbx_audit_revision_details.type                'Initial release' 
_pdbx_audit_revision_details.description         ? 
_pdbx_audit_revision_details.details             ? 
# 
loop_
_pdbx_audit_revision_group.ordinal 
_pdbx_audit_revision_group.revision_ordinal 
_pdbx_audit_revision_group.data_content_type 
_pdbx_audit_revision_group.group 
1 2 'Structure model' 'Version format compliance' 
2 3 'Structure model' 'Derived calculations'      
3 3 'Structure model' 'Version format compliance' 
4 4 'Structure model' 'Database references'       
5 4 'Structure model' 'Refinement description'    
6 5 'Structure model' 'Data collection'           
# 
loop_
_pdbx_audit_revision_category.ordinal 
_pdbx_audit_revision_category.revision_ordinal 
_pdbx_audit_revision_category.data_content_type 
_pdbx_audit_revision_category.category 
1 4 'Structure model' database_2         
2 4 'Structure model' software           
3 4 'Structure model' struct_ref_seq_dif 
4 5 'Structure model' chem_comp_atom     
5 5 'Structure model' chem_comp_bond     
# 
loop_
_pdbx_audit_revision_item.ordinal 
_pdbx_audit_revision_item.revision_ordinal 
_pdbx_audit_revision_item.data_content_type 
_pdbx_audit_revision_item.item 
1 4 'Structure model' '_database_2.pdbx_DOI'                
2 4 'Structure model' '_database_2.pdbx_database_accession' 
3 4 'Structure model' '_software.name'                      
4 4 'Structure model' '_struct_ref_seq_dif.details'         
# 
_pdbx_database_status.status_code                     REL 
_pdbx_database_status.entry_id                        1KFN 
_pdbx_database_status.recvd_initial_deposition_date   2001-11-21 
_pdbx_database_status.deposit_site                    RCSB 
_pdbx_database_status.process_site                    RCSB 
_pdbx_database_status.SG_entry                        . 
_pdbx_database_status.pdb_format_compatible           Y 
_pdbx_database_status.status_code_mr                  ? 
_pdbx_database_status.status_code_sf                  ? 
_pdbx_database_status.status_code_cs                  ? 
_pdbx_database_status.status_code_nmr_data            ? 
_pdbx_database_status.methods_development_category    ? 
# 
loop_
_pdbx_database_related.db_name 
_pdbx_database_related.db_id 
_pdbx_database_related.details 
_pdbx_database_related.content_type 
PDB 1EQ7 'the wild type protein structure' unspecified 
PDB 1JCB 'Mutant of 1EQ7'                  unspecified 
PDB 1KFM 'Mutant of 1EQ7'                  unspecified 
# 
loop_
_audit_author.name 
_audit_author.pdbx_ordinal 
'Liu, J.' 1 
'Cao, W.' 2 
'Lu, M.'  3 
# 
_citation.id                        primary 
_citation.title                     'Core side-chain packing and backbone conformation in Lpp-56 coiled-coil mutants.' 
_citation.journal_abbrev            J.Mol.Biol. 
_citation.journal_volume            318 
_citation.page_first                877 
_citation.page_last                 888 
_citation.year                      2002 
_citation.journal_id_ASTM           JMOBAK 
_citation.country                   UK 
_citation.journal_id_ISSN           0022-2836 
_citation.journal_id_CSD            0070 
_citation.book_publisher            ? 
_citation.pdbx_database_id_PubMed   12054830 
_citation.pdbx_database_id_DOI      '10.1016/S0022-2836(02)00138-9' 
# 
loop_
_citation_author.citation_id 
_citation_author.name 
_citation_author.ordinal 
_citation_author.identifier_ORCID 
primary 'Liu, J.' 1 ? 
primary 'Cao, W.' 2 ? 
primary 'Lu, M.'  3 ? 
# 
loop_
_entity.id 
_entity.type 
_entity.src_method 
_entity.pdbx_description 
_entity.formula_weight 
_entity.pdbx_number_of_molecules 
_entity.pdbx_ec 
_entity.pdbx_mutation 
_entity.pdbx_fragment 
_entity.details 
1 polymer man 'MAJOR OUTER MEMBRANE LIPOPROTEIN' 6003.420 1  ? 'L23A, V27A, M30A, V34A' ? ? 
2 water   nat water                              18.015   41 ? ?                        ? ? 
# 
_entity_name_com.entity_id   1 
_entity_name_com.name        'murein-lipoprotein lpp, murein-lipoprotein lpp' 
# 
_entity_poly.entity_id                      1 
_entity_poly.type                           'polypeptide(L)' 
_entity_poly.nstd_linkage                   no 
_entity_poly.nstd_monomer                   no 
_entity_poly.pdbx_seq_one_letter_code       SSNAKIDQLSSDVQTLNAKVDQASNDANAARSDAQAAKDDAARANQRLDNMATKYR 
_entity_poly.pdbx_seq_one_letter_code_can   SSNAKIDQLSSDVQTLNAKVDQASNDANAARSDAQAAKDDAARANQRLDNMATKYR 
_entity_poly.pdbx_strand_id                 A 
_entity_poly.pdbx_target_identifier         ? 
# 
_pdbx_entity_nonpoly.entity_id   2 
_pdbx_entity_nonpoly.name        water 
_pdbx_entity_nonpoly.comp_id     HOH 
# 
loop_
_entity_poly_seq.entity_id 
_entity_poly_seq.num 
_entity_poly_seq.mon_id 
_entity_poly_seq.hetero 
1 1  SER n 
1 2  SER n 
1 3  ASN n 
1 4  ALA n 
1 5  LYS n 
1 6  ILE n 
1 7  ASP n 
1 8  GLN n 
1 9  LEU n 
1 10 SER n 
1 11 SER n 
1 12 ASP n 
1 13 VAL n 
1 14 GLN n 
1 15 THR n 
1 16 LEU n 
1 17 ASN n 
1 18 ALA n 
1 19 LYS n 
1 20 VAL n 
1 21 ASP n 
1 22 GLN n 
1 23 ALA n 
1 24 SER n 
1 25 ASN n 
1 26 ASP n 
1 27 ALA n 
1 28 ASN n 
1 29 ALA n 
1 30 ALA n 
1 31 ARG n 
1 32 SER n 
1 33 ASP n 
1 34 ALA n 
1 35 GLN n 
1 36 ALA n 
1 37 ALA n 
1 38 LYS n 
1 39 ASP n 
1 40 ASP n 
1 41 ALA n 
1 42 ALA n 
1 43 ARG n 
1 44 ALA n 
1 45 ASN n 
1 46 GLN n 
1 47 ARG n 
1 48 LEU n 
1 49 ASP n 
1 50 ASN n 
1 51 MET n 
1 52 ALA n 
1 53 THR n 
1 54 LYS n 
1 55 TYR n 
1 56 ARG n 
# 
_entity_src_gen.entity_id                          1 
_entity_src_gen.pdbx_src_id                        1 
_entity_src_gen.pdbx_alt_source_flag               sample 
_entity_src_gen.pdbx_seq_type                      ? 
_entity_src_gen.pdbx_beg_seq_num                   ? 
_entity_src_gen.pdbx_end_seq_num                   ? 
_entity_src_gen.gene_src_common_name               ? 
_entity_src_gen.gene_src_genus                     Escherichia 
_entity_src_gen.pdbx_gene_src_gene                 ? 
_entity_src_gen.gene_src_species                   ? 
_entity_src_gen.gene_src_strain                    ? 
_entity_src_gen.gene_src_tissue                    ? 
_entity_src_gen.gene_src_tissue_fraction           ? 
_entity_src_gen.gene_src_details                   ? 
_entity_src_gen.pdbx_gene_src_fragment             ? 
_entity_src_gen.pdbx_gene_src_scientific_name      'Escherichia coli' 
_entity_src_gen.pdbx_gene_src_ncbi_taxonomy_id     562 
_entity_src_gen.pdbx_gene_src_variant              ? 
_entity_src_gen.pdbx_gene_src_cell_line            ? 
_entity_src_gen.pdbx_gene_src_atcc                 ? 
_entity_src_gen.pdbx_gene_src_organ                ? 
_entity_src_gen.pdbx_gene_src_organelle            ? 
_entity_src_gen.pdbx_gene_src_cell                 ? 
_entity_src_gen.pdbx_gene_src_cellular_location    ? 
_entity_src_gen.host_org_common_name               ? 
_entity_src_gen.pdbx_host_org_scientific_name      'Escherichia coli' 
_entity_src_gen.pdbx_host_org_ncbi_taxonomy_id     562 
_entity_src_gen.host_org_genus                     Escherichia 
_entity_src_gen.pdbx_host_org_gene                 ? 
_entity_src_gen.pdbx_host_org_organ                ? 
_entity_src_gen.host_org_species                   ? 
_entity_src_gen.pdbx_host_org_tissue               ? 
_entity_src_gen.pdbx_host_org_tissue_fraction      ? 
_entity_src_gen.pdbx_host_org_strain               ? 
_entity_src_gen.pdbx_host_org_variant              ? 
_entity_src_gen.pdbx_host_org_cell_line            ? 
_entity_src_gen.pdbx_host_org_atcc                 ? 
_entity_src_gen.pdbx_host_org_culture_collection   ? 
_entity_src_gen.pdbx_host_org_cell                 ? 
_entity_src_gen.pdbx_host_org_organelle            ? 
_entity_src_gen.pdbx_host_org_cellular_location    ? 
_entity_src_gen.pdbx_host_org_vector_type          PLASMID 
_entity_src_gen.pdbx_host_org_vector               ? 
_entity_src_gen.host_org_details                   ? 
_entity_src_gen.expression_system_id               ? 
_entity_src_gen.plasmid_name                       ? 
_entity_src_gen.plasmid_details                    ? 
_entity_src_gen.pdbx_description                   ? 
# 
loop_
_chem_comp.id 
_chem_comp.type 
_chem_comp.mon_nstd_flag 
_chem_comp.name 
_chem_comp.pdbx_synonyms 
_chem_comp.formula 
_chem_comp.formula_weight 
ALA 'L-peptide linking' y ALANINE         ? 'C3 H7 N O2'     89.093  
ARG 'L-peptide linking' y ARGININE        ? 'C6 H15 N4 O2 1' 175.209 
ASN 'L-peptide linking' y ASPARAGINE      ? 'C4 H8 N2 O3'    132.118 
ASP 'L-peptide linking' y 'ASPARTIC ACID' ? 'C4 H7 N O4'     133.103 
GLN 'L-peptide linking' y GLUTAMINE       ? 'C5 H10 N2 O3'   146.144 
HOH non-polymer         . WATER           ? 'H2 O'           18.015  
ILE 'L-peptide linking' y ISOLEUCINE      ? 'C6 H13 N O2'    131.173 
LEU 'L-peptide linking' y LEUCINE         ? 'C6 H13 N O2'    131.173 
LYS 'L-peptide linking' y LYSINE          ? 'C6 H15 N2 O2 1' 147.195 
MET 'L-peptide linking' y METHIONINE      ? 'C5 H11 N O2 S'  149.211 
SER 'L-peptide linking' y SERINE          ? 'C3 H7 N O3'     105.093 
THR 'L-peptide linking' y THREONINE       ? 'C4 H9 N O3'     119.119 
TYR 'L-peptide linking' y TYROSINE        ? 'C9 H11 N O3'    181.189 
VAL 'L-peptide linking' y VALINE          ? 'C5 H11 N O2'    117.146 
# 
loop_
_pdbx_poly_seq_scheme.asym_id 
_pdbx_poly_seq_scheme.entity_id 
_pdbx_poly_seq_scheme.seq_id 
_pdbx_poly_seq_scheme.mon_id 
_pdbx_poly_seq_scheme.ndb_seq_num 
_pdbx_poly_seq_scheme.pdb_seq_num 
_pdbx_poly_seq_scheme.auth_seq_num 
_pdbx_poly_seq_scheme.pdb_mon_id 
_pdbx_poly_seq_scheme.auth_mon_id 
_pdbx_poly_seq_scheme.pdb_strand_id 
_pdbx_poly_seq_scheme.pdb_ins_code 
_pdbx_poly_seq_scheme.hetero 
A 1 1  SER 1  1  1  SER SER A . n 
A 1 2  SER 2  2  2  SER SER A . n 
A 1 3  ASN 3  3  3  ASN ASN A . n 
A 1 4  ALA 4  4  4  ALA ALA A . n 
A 1 5  LYS 5  5  5  LYS LYS A . n 
A 1 6  ILE 6  6  6  ILE ILE A . n 
A 1 7  ASP 7  7  7  ASP ASP A . n 
A 1 8  GLN 8  8  8  GLN GLN A . n 
A 1 9  LEU 9  9  9  LEU LEU A . n 
A 1 10 SER 10 10 10 SER SER A . n 
A 1 11 SER 11 11 11 SER SER A . n 
A 1 12 ASP 12 12 12 ASP ASP A . n 
A 1 13 VAL 13 13 13 VAL VAL A . n 
A 1 14 GLN 14 14 14 GLN GLN A . n 
A 1 15 THR 15 15 15 THR THR A . n 
A 1 16 LEU 16 16 16 LEU LEU A . n 
A 1 17 ASN 17 17 17 ASN ASN A . n 
A 1 18 ALA 18 18 18 ALA ALA A . n 
A 1 19 LYS 19 19 19 LYS LYS A . n 
A 1 20 VAL 20 20 20 VAL VAL A . n 
A 1 21 ASP 21 21 21 ASP ASP A . n 
A 1 22 GLN 22 22 22 GLN GLN A . n 
A 1 23 ALA 23 23 23 ALA ALA A . n 
A 1 24 SER 24 24 24 SER SER A . n 
A 1 25 ASN 25 25 25 ASN ASN A . n 
A 1 26 ASP 26 26 26 ASP ASP A . n 
A 1 27 ALA 27 27 27 ALA ALA A . n 
A 1 28 ASN 28 28 28 ASN ASN A . n 
A 1 29 ALA 29 29 29 ALA ALA A . n 
A 1 30 ALA 30 30 30 ALA ALA A . n 
A 1 31 ARG 31 31 31 ARG ARG A . n 
A 1 32 SER 32 32 32 SER SER A . n 
A 1 33 ASP 33 33 33 ASP ASP A . n 
A 1 34 ALA 34 34 34 ALA ALA A . n 
A 1 35 GLN 35 35 35 GLN GLN A . n 
A 1 36 ALA 36 36 36 ALA ALA A . n 
A 1 37 ALA 37 37 37 ALA ALA A . n 
A 1 38 LYS 38 38 38 LYS LYS A . n 
A 1 39 ASP 39 39 39 ASP ASP A . n 
A 1 40 ASP 40 40 40 ASP ASP A . n 
A 1 41 ALA 41 41 41 ALA ALA A . n 
A 1 42 ALA 42 42 42 ALA ALA A . n 
A 1 43 ARG 43 43 43 ARG ARG A . n 
A 1 44 ALA 44 44 44 ALA ALA A . n 
A 1 45 ASN 45 45 45 ASN ASN A . n 
A 1 46 GLN 46 46 46 GLN GLN A . n 
A 1 47 ARG 47 47 47 ARG ARG A . n 
A 1 48 LEU 48 48 48 LEU LEU A . n 
A 1 49 ASP 49 49 49 ASP ASP A . n 
A 1 50 ASN 50 50 50 ASN ASN A . n 
A 1 51 MET 51 51 51 MET MET A . n 
A 1 52 ALA 52 52 52 ALA ALA A . n 
A 1 53 THR 53 53 53 THR THR A . n 
A 1 54 LYS 54 54 ?  ?   ?   A . n 
A 1 55 TYR 55 55 ?  ?   ?   A . n 
A 1 56 ARG 56 56 ?  ?   ?   A . n 
# 
loop_
_pdbx_nonpoly_scheme.asym_id 
_pdbx_nonpoly_scheme.entity_id 
_pdbx_nonpoly_scheme.mon_id 
_pdbx_nonpoly_scheme.ndb_seq_num 
_pdbx_nonpoly_scheme.pdb_seq_num 
_pdbx_nonpoly_scheme.auth_seq_num 
_pdbx_nonpoly_scheme.pdb_mon_id 
_pdbx_nonpoly_scheme.auth_mon_id 
_pdbx_nonpoly_scheme.pdb_strand_id 
_pdbx_nonpoly_scheme.pdb_ins_code 
B 2 HOH 1  101 101 HOH HOH A . 
B 2 HOH 2  102 102 HOH HOH A . 
B 2 HOH 3  103 103 HOH HOH A . 
B 2 HOH 4  104 104 HOH HOH A . 
B 2 HOH 5  105 105 HOH HOH A . 
B 2 HOH 6  106 106 HOH HOH A . 
B 2 HOH 7  107 107 HOH HOH A . 
B 2 HOH 8  108 108 HOH HOH A . 
B 2 HOH 9  109 109 HOH HOH A . 
B 2 HOH 10 110 110 HOH HOH A . 
B 2 HOH 11 111 111 HOH HOH A . 
B 2 HOH 12 112 112 HOH HOH A . 
B 2 HOH 13 113 113 HOH HOH A . 
B 2 HOH 14 114 114 HOH HOH A . 
B 2 HOH 15 115 115 HOH HOH A . 
B 2 HOH 16 116 116 HOH HOH A . 
B 2 HOH 17 117 117 HOH HOH A . 
B 2 HOH 18 118 118 HOH HOH A . 
B 2 HOH 19 119 119 HOH HOH A . 
B 2 HOH 20 120 120 HOH HOH A . 
B 2 HOH 21 121 121 HOH HOH A . 
B 2 HOH 22 122 122 HOH HOH A . 
B 2 HOH 23 123 123 HOH HOH A . 
B 2 HOH 24 124 124 HOH HOH A . 
B 2 HOH 25 125 125 HOH HOH A . 
B 2 HOH 26 126 126 HOH HOH A . 
B 2 HOH 27 127 127 HOH HOH A . 
B 2 HOH 28 128 128 HOH HOH A . 
B 2 HOH 29 129 129 HOH HOH A . 
B 2 HOH 30 130 130 HOH HOH A . 
B 2 HOH 31 131 131 HOH HOH A . 
B 2 HOH 32 132 132 HOH HOH A . 
B 2 HOH 33 133 133 HOH HOH A . 
B 2 HOH 34 134 134 HOH HOH A . 
B 2 HOH 35 135 135 HOH HOH A . 
B 2 HOH 36 136 136 HOH HOH A . 
B 2 HOH 37 137 137 HOH HOH A . 
B 2 HOH 38 138 138 HOH HOH A . 
B 2 HOH 39 139 139 HOH HOH A . 
B 2 HOH 40 140 140 HOH HOH A . 
B 2 HOH 41 141 141 HOH HOH A . 
# 
loop_
_software.name 
_software.classification 
_software.version 
_software.citation_id 
_software.pdbx_ordinal 
AMoRE     phasing          .   ? 1 
CNS       refinement       1.0 ? 2 
MADNESS   'data reduction' .   ? 3 
SCALEPACK 'data scaling'   .   ? 4 
# 
_cell.entry_id           1KFN 
_cell.length_a           36.290 
_cell.length_b           36.290 
_cell.length_c           83.473 
_cell.angle_alpha        90.00 
_cell.angle_beta         90.00 
_cell.angle_gamma        120.00 
_cell.Z_PDB              9 
_cell.pdbx_unique_axis   ? 
# 
_symmetry.entry_id                         1KFN 
_symmetry.space_group_name_H-M             'H 3' 
_symmetry.pdbx_full_space_group_name_H-M   ? 
_symmetry.cell_setting                     trigonal 
_symmetry.Int_Tables_number                146 
# 
_exptl.entry_id          1KFN 
_exptl.method            'X-RAY DIFFRACTION' 
_exptl.crystals_number   1 
# 
_exptl_crystal.id                    1 
_exptl_crystal.density_meas          ? 
_exptl_crystal.density_percent_sol   30.19 
_exptl_crystal.density_Matthews      1.76 
_exptl_crystal.description           ? 
# 
_exptl_crystal_grow.crystal_id      1 
_exptl_crystal_grow.method          'VAPOR DIFFUSION, HANGING DROP' 
_exptl_crystal_grow.temp            293 
_exptl_crystal_grow.temp_details    ? 
_exptl_crystal_grow.pH              4.0 
_exptl_crystal_grow.pdbx_details    
;PEG 4000, sodium acetate, ammonium acetate, L-cystein, pH 4.0, VAPOR DIFFUSION, 
HANGING DROP at 293K, VAPOR DIFFUSION, HANGING DROP
;
_exptl_crystal_grow.pdbx_pH_range   . 
# 
_diffrn.id                     1 
_diffrn.ambient_temp           95 
_diffrn.ambient_temp_details   ? 
_diffrn.crystal_id             1 
# 
_diffrn_detector.diffrn_id              1 
_diffrn_detector.detector               CCD 
_diffrn_detector.type                   'BRANDEIS - B4' 
_diffrn_detector.pdbx_collection_date   2001-10-12 
_diffrn_detector.details                ? 
# 
_diffrn_radiation.diffrn_id                        1 
_diffrn_radiation.wavelength_id                    1 
_diffrn_radiation.pdbx_monochromatic_or_laue_m_l   M 
_diffrn_radiation.monochromator                    GRAPHITE 
_diffrn_radiation.pdbx_diffrn_protocol             'SINGLE WAVELENGTH' 
_diffrn_radiation.pdbx_scattering_type             x-ray 
# 
_diffrn_radiation_wavelength.id           1 
_diffrn_radiation_wavelength.wavelength   1.1000 
_diffrn_radiation_wavelength.wt           1.0 
# 
_diffrn_source.diffrn_id                   1 
_diffrn_source.source                      SYNCHROTRON 
_diffrn_source.type                        'NSLS BEAMLINE X25' 
_diffrn_source.pdbx_synchrotron_site       NSLS 
_diffrn_source.pdbx_synchrotron_beamline   X25 
_diffrn_source.pdbx_wavelength             ? 
_diffrn_source.pdbx_wavelength_list        1.1000 
# 
_reflns.entry_id                     1KFN 
_reflns.observed_criterion_sigma_I   0.0 
_reflns.observed_criterion_sigma_F   0.0 
_reflns.d_resolution_low             50 
_reflns.d_resolution_high            1.65 
_reflns.number_obs                   4921 
_reflns.number_all                   4921 
_reflns.percent_possible_obs         99.7 
_reflns.pdbx_Rmerge_I_obs            0.0590000 
_reflns.pdbx_Rsym_value              ? 
_reflns.pdbx_netI_over_sigmaI        11.7 
_reflns.B_iso_Wilson_estimate        27.9 
_reflns.pdbx_redundancy              3.7 
_reflns.R_free_details               ? 
_reflns.observed_criterion_F_max     ? 
_reflns.observed_criterion_F_min     ? 
_reflns.limit_h_max                  ? 
_reflns.limit_h_min                  ? 
_reflns.limit_k_max                  ? 
_reflns.limit_k_min                  ? 
_reflns.limit_l_max                  ? 
_reflns.limit_l_min                  ? 
_reflns.pdbx_ordinal                 1 
_reflns.pdbx_diffrn_id               1 
# 
_reflns_shell.d_res_high             1.65 
_reflns_shell.d_res_low              1.68 
_reflns_shell.percent_possible_all   97.9 
_reflns_shell.Rmerge_I_obs           0.2030000 
_reflns_shell.pdbx_Rsym_value        ? 
_reflns_shell.meanI_over_sigI_obs    6.5 
_reflns_shell.pdbx_redundancy        3.5 
_reflns_shell.percent_possible_obs   ? 
_reflns_shell.number_unique_all      232 
_reflns_shell.pdbx_ordinal           1 
_reflns_shell.pdbx_diffrn_id         1 
# 
_refine.entry_id                                 1KFN 
_refine.ls_number_reflns_obs                     4921 
_refine.ls_number_reflns_all                     4921 
_refine.pdbx_ls_sigma_I                          0.0 
_refine.pdbx_ls_sigma_F                          0.0 
_refine.pdbx_data_cutoff_high_absF               ? 
_refine.pdbx_data_cutoff_low_absF                ? 
_refine.ls_d_res_low                             29.41 
_refine.ls_d_res_high                            1.65 
_refine.ls_percent_reflns_obs                    99.7 
_refine.ls_R_factor_obs                          0.2440000 
_refine.ls_R_factor_all                          ? 
_refine.ls_R_factor_R_work                       0.2440000 
_refine.ls_R_factor_R_free                       0.2720000 
_refine.ls_R_factor_R_free_error                 0.012 
_refine.ls_R_factor_R_free_error_details         ? 
_refine.ls_percent_reflns_R_free                 10.5 
_refine.ls_number_reflns_R_free                  517 
_refine.ls_number_parameters                     ? 
_refine.ls_number_restraints                     ? 
_refine.occupancy_min                            ? 
_refine.occupancy_max                            ? 
_refine.B_iso_mean                               25.4 
_refine.aniso_B[1][1]                            -3.00 
_refine.aniso_B[2][2]                            -3.00 
_refine.aniso_B[3][3]                            6.00 
_refine.aniso_B[1][2]                            -0.21 
_refine.aniso_B[1][3]                            0.00 
_refine.aniso_B[2][3]                            0.00 
_refine.solvent_model_details                    'FLAT MODEL' 
_refine.solvent_model_param_ksol                 0.456794 
_refine.solvent_model_param_bsol                 65.6494 
_refine.pdbx_ls_cross_valid_method               THROUGHOUT 
_refine.details                                  ? 
_refine.pdbx_starting_model                      ? 
_refine.pdbx_method_to_determine_struct          'MOLECULAR REPLACEMENT' 
_refine.pdbx_isotropic_thermal_model             RESTRAINED 
_refine.pdbx_stereochemistry_target_values       'Engh & Huber' 
_refine.pdbx_stereochem_target_val_spec_case     ? 
_refine.pdbx_R_Free_selection_details            RANDOM 
_refine.pdbx_overall_ESU_R_Free                  ? 
_refine.overall_SU_B                             ? 
_refine.ls_redundancy_reflns_obs                 ? 
_refine.B_iso_min                                ? 
_refine.B_iso_max                                ? 
_refine.correlation_coeff_Fo_to_Fc               ? 
_refine.overall_SU_R_Cruickshank_DPI             ? 
_refine.overall_SU_R_free                        ? 
_refine.overall_SU_ML                            ? 
_refine.pdbx_overall_ESU_R                       ? 
_refine.pdbx_data_cutoff_high_rms_absF           ? 
_refine.correlation_coeff_Fo_to_Fc_free          ? 
_refine.pdbx_solvent_vdw_probe_radii             ? 
_refine.pdbx_solvent_ion_probe_radii             ? 
_refine.pdbx_solvent_shrinkage_radii             ? 
_refine.pdbx_refine_id                           'X-RAY DIFFRACTION' 
_refine.pdbx_diffrn_id                           1 
_refine.pdbx_TLS_residual_ADP_flag               ? 
_refine.pdbx_overall_phase_error                 ? 
_refine.pdbx_overall_SU_R_free_Cruickshank_DPI   ? 
_refine.pdbx_overall_SU_R_Blow_DPI               ? 
_refine.pdbx_overall_SU_R_free_Blow_DPI          ? 
# 
_refine_analyze.entry_id                        1KFN 
_refine_analyze.Luzzati_coordinate_error_obs    0.24 
_refine_analyze.Luzzati_sigma_a_obs             0.22 
_refine_analyze.Luzzati_d_res_low_obs           5.00 
_refine_analyze.Luzzati_coordinate_error_free   0.31 
_refine_analyze.Luzzati_sigma_a_free            0.23 
_refine_analyze.Luzzati_d_res_low_free          ? 
_refine_analyze.number_disordered_residues      ? 
_refine_analyze.occupancy_sum_hydrogen          ? 
_refine_analyze.occupancy_sum_non_hydrogen      ? 
_refine_analyze.pdbx_Luzzati_d_res_high_obs     ? 
_refine_analyze.pdbx_refine_id                  'X-RAY DIFFRACTION' 
# 
_refine_hist.pdbx_refine_id                   'X-RAY DIFFRACTION' 
_refine_hist.cycle_id                         LAST 
_refine_hist.pdbx_number_atoms_protein        386 
_refine_hist.pdbx_number_atoms_nucleic_acid   0 
_refine_hist.pdbx_number_atoms_ligand         0 
_refine_hist.number_atoms_solvent             41 
_refine_hist.number_atoms_total               427 
_refine_hist.d_res_high                       1.65 
_refine_hist.d_res_low                        29.41 
# 
loop_
_refine_ls_restr.type 
_refine_ls_restr.dev_ideal 
_refine_ls_restr.dev_ideal_target 
_refine_ls_restr.weight 
_refine_ls_restr.number 
_refine_ls_restr.pdbx_refine_id 
_refine_ls_restr.pdbx_restraint_function 
c_bond_d                0.007 ?    ? ? 'X-RAY DIFFRACTION' ? 
c_bond_d_na             ?     ?    ? ? 'X-RAY DIFFRACTION' ? 
c_bond_d_prot           ?     ?    ? ? 'X-RAY DIFFRACTION' ? 
c_angle_d               ?     ?    ? ? 'X-RAY DIFFRACTION' ? 
c_angle_d_na            ?     ?    ? ? 'X-RAY DIFFRACTION' ? 
c_angle_d_prot          ?     ?    ? ? 'X-RAY DIFFRACTION' ? 
c_angle_deg             1.0   ?    ? ? 'X-RAY DIFFRACTION' ? 
c_angle_deg_na          ?     ?    ? ? 'X-RAY DIFFRACTION' ? 
c_angle_deg_prot        ?     ?    ? ? 'X-RAY DIFFRACTION' ? 
c_dihedral_angle_d      16.1  ?    ? ? 'X-RAY DIFFRACTION' ? 
c_dihedral_angle_d_na   ?     ?    ? ? 'X-RAY DIFFRACTION' ? 
c_dihedral_angle_d_prot ?     ?    ? ? 'X-RAY DIFFRACTION' ? 
c_improper_angle_d      0.71  ?    ? ? 'X-RAY DIFFRACTION' ? 
c_improper_angle_d_na   ?     ?    ? ? 'X-RAY DIFFRACTION' ? 
c_improper_angle_d_prot ?     ?    ? ? 'X-RAY DIFFRACTION' ? 
c_mcbond_it             1.53  1.50 ? ? 'X-RAY DIFFRACTION' ? 
c_mcangle_it            2.20  2.00 ? ? 'X-RAY DIFFRACTION' ? 
c_scbond_it             2.74  2.00 ? ? 'X-RAY DIFFRACTION' ? 
c_scangle_it            4.10  2.50 ? ? 'X-RAY DIFFRACTION' ? 
# 
_refine_ls_shell.pdbx_total_number_of_bins_used   10 
_refine_ls_shell.d_res_high                       1.65 
_refine_ls_shell.d_res_low                        1.71 
_refine_ls_shell.number_reflns_R_work             413 
_refine_ls_shell.R_factor_R_work                  0.3420000 
_refine_ls_shell.percent_reflns_obs               98.7 
_refine_ls_shell.R_factor_R_free                  0.3310000 
_refine_ls_shell.R_factor_R_free_error            0.044 
_refine_ls_shell.percent_reflns_R_free            12.1 
_refine_ls_shell.number_reflns_R_free             57 
_refine_ls_shell.number_reflns_obs                413 
_refine_ls_shell.redundancy_reflns_obs            ? 
_refine_ls_shell.number_reflns_all                ? 
_refine_ls_shell.pdbx_refine_id                   'X-RAY DIFFRACTION' 
_refine_ls_shell.R_factor_all                     ? 
# 
loop_
_pdbx_xplor_file.serial_no 
_pdbx_xplor_file.param_file 
_pdbx_xplor_file.topol_file 
_pdbx_xplor_file.pdbx_refine_id 
1 PROTEIN_REP.PARAM PROTEIN.TOP 'X-RAY DIFFRACTION' 
2 WATER_REP.PARAM   WATER.TOP   'X-RAY DIFFRACTION' 
# 
_struct.entry_id                  1KFN 
_struct.title                     'Core side-chain packing and backbone conformation in Lpp-56 coiled-coil mutants' 
_struct.pdbx_model_details        ? 
_struct.pdbx_CASP_flag            ? 
_struct.pdbx_model_type_details   ? 
# 
_struct_keywords.entry_id        1KFN 
_struct_keywords.pdbx_keywords   'MEMBRANE PROTEIN' 
_struct_keywords.text            'LIPOPROTEIN, PROTEIN FOLDING, HELIX CAPPING, ALANINE-ZIPPER, MEMBRANE PROTEIN' 
# 
loop_
_struct_asym.id 
_struct_asym.pdbx_blank_PDB_chainid_flag 
_struct_asym.pdbx_modified 
_struct_asym.entity_id 
_struct_asym.details 
A N N 1 ? 
B N N 2 ? 
# 
_struct_ref.id                         1 
_struct_ref.entity_id                  1 
_struct_ref.db_name                    UNP 
_struct_ref.db_code                    LPP_ECOLI 
_struct_ref.pdbx_db_accession          P69776 
_struct_ref.pdbx_align_begin           22 
_struct_ref.pdbx_seq_one_letter_code   SSNAKIDQLSSDVQTLNAKVDQLSNDVNAMRSDVQAAKDDAARANQRLDNMATKYR 
_struct_ref.pdbx_db_isoform            ? 
# 
_struct_ref_seq.align_id                      1 
_struct_ref_seq.ref_id                        1 
_struct_ref_seq.pdbx_PDB_id_code              1KFN 
_struct_ref_seq.pdbx_strand_id                A 
_struct_ref_seq.seq_align_beg                 1 
_struct_ref_seq.pdbx_seq_align_beg_ins_code   ? 
_struct_ref_seq.seq_align_end                 56 
_struct_ref_seq.pdbx_seq_align_end_ins_code   ? 
_struct_ref_seq.pdbx_db_accession             P69776 
_struct_ref_seq.db_align_beg                  22 
_struct_ref_seq.pdbx_db_align_beg_ins_code    ? 
_struct_ref_seq.db_align_end                  77 
_struct_ref_seq.pdbx_db_align_end_ins_code    ? 
_struct_ref_seq.pdbx_auth_seq_align_beg       1 
_struct_ref_seq.pdbx_auth_seq_align_end       56 
# 
loop_
_struct_ref_seq_dif.align_id 
_struct_ref_seq_dif.pdbx_pdb_id_code 
_struct_ref_seq_dif.mon_id 
_struct_ref_seq_dif.pdbx_pdb_strand_id 
_struct_ref_seq_dif.seq_num 
_struct_ref_seq_dif.pdbx_pdb_ins_code 
_struct_ref_seq_dif.pdbx_seq_db_name 
_struct_ref_seq_dif.pdbx_seq_db_accession_code 
_struct_ref_seq_dif.db_mon_id 
_struct_ref_seq_dif.pdbx_seq_db_seq_num 
_struct_ref_seq_dif.details 
_struct_ref_seq_dif.pdbx_auth_seq_num 
_struct_ref_seq_dif.pdbx_ordinal 
1 1KFN ALA A 23 ? UNP P69776 LEU 44 'engineered mutation' 23 1 
1 1KFN ALA A 27 ? UNP P69776 VAL 48 'engineered mutation' 27 2 
1 1KFN ALA A 30 ? UNP P69776 MET 51 'engineered mutation' 30 3 
1 1KFN ALA A 34 ? UNP P69776 VAL 55 'engineered mutation' 34 4 
# 
_pdbx_struct_assembly.id                   1 
_pdbx_struct_assembly.details              author_and_software_defined_assembly 
_pdbx_struct_assembly.method_details       PISA,PQS 
_pdbx_struct_assembly.oligomeric_details   trimeric 
_pdbx_struct_assembly.oligomeric_count     3 
# 
loop_
_pdbx_struct_assembly_prop.biol_id 
_pdbx_struct_assembly_prop.type 
_pdbx_struct_assembly_prop.value 
_pdbx_struct_assembly_prop.details 
1 'ABSA (A^2)' 5670 ? 
1 MORE         -41  ? 
1 'SSA (A^2)'  8640 ? 
# 
_pdbx_struct_assembly_gen.assembly_id       1 
_pdbx_struct_assembly_gen.oper_expression   1,2,3 
_pdbx_struct_assembly_gen.asym_id_list      A,B 
# 
loop_
_pdbx_struct_oper_list.id 
_pdbx_struct_oper_list.type 
_pdbx_struct_oper_list.name 
_pdbx_struct_oper_list.symmetry_operation 
_pdbx_struct_oper_list.matrix[1][1] 
_pdbx_struct_oper_list.matrix[1][2] 
_pdbx_struct_oper_list.matrix[1][3] 
_pdbx_struct_oper_list.vector[1] 
_pdbx_struct_oper_list.matrix[2][1] 
_pdbx_struct_oper_list.matrix[2][2] 
_pdbx_struct_oper_list.matrix[2][3] 
_pdbx_struct_oper_list.vector[2] 
_pdbx_struct_oper_list.matrix[3][1] 
_pdbx_struct_oper_list.matrix[3][2] 
_pdbx_struct_oper_list.matrix[3][3] 
_pdbx_struct_oper_list.vector[3] 
1 'identity operation'         1_555 x,y,z         1.0000000000 0.0000000000  0.0000000000  0.0000000000 0.0000000000  1.0000000000  0.0000000000  0.0000000000 0.0000000000  0.0000000000  1.0000000000 0.0000000000  
2 'crystal symmetry operation' 2_655 -y+1,x-y,z    0.3933818535 0.3964955744  -0.8294829575 0.0096432380 -0.6838001481 -0.4769012775 -0.5522522331 4.6192345561 -0.6145470485 0.7844465763  0.0835194240 -0.9071120559 
3 'crystal symmetry operation' 3_665 -x+y+1,-x+1,z 0.3933818535 -0.6838001481 -0.6145470485 2.5973767622 0.3964955744  -0.4769012775 0.7844465763  2.9106763055 -0.8294829575 -0.5522522331 0.0835194240 2.6347429769 
# 
_struct_biol.id                    1 
_struct_biol.details               
;The biological assembly is a trimer generated from the monomer by the 
three fold axis.
;
_struct_biol.pdbx_parent_biol_id   ? 
# 
_struct_conf.conf_type_id            HELX_P 
_struct_conf.id                      HELX_P1 
_struct_conf.pdbx_PDB_helix_id       1 
_struct_conf.beg_label_comp_id       SER 
_struct_conf.beg_label_asym_id       A 
_struct_conf.beg_label_seq_id        1 
_struct_conf.pdbx_beg_PDB_ins_code   ? 
_struct_conf.end_label_comp_id       ASN 
_struct_conf.end_label_asym_id       A 
_struct_conf.end_label_seq_id        50 
_struct_conf.pdbx_end_PDB_ins_code   ? 
_struct_conf.beg_auth_comp_id        SER 
_struct_conf.beg_auth_asym_id        A 
_struct_conf.beg_auth_seq_id         1 
_struct_conf.end_auth_comp_id        ASN 
_struct_conf.end_auth_asym_id        A 
_struct_conf.end_auth_seq_id         50 
_struct_conf.pdbx_PDB_helix_class    1 
_struct_conf.details                 ? 
_struct_conf.pdbx_PDB_helix_length   50 
# 
_struct_conf_type.id          HELX_P 
_struct_conf_type.criteria    ? 
_struct_conf_type.reference   ? 
# 
loop_
_pdbx_unobs_or_zero_occ_residues.id 
_pdbx_unobs_or_zero_occ_residues.PDB_model_num 
_pdbx_unobs_or_zero_occ_residues.polymer_flag 
_pdbx_unobs_or_zero_occ_residues.occupancy_flag 
_pdbx_unobs_or_zero_occ_residues.auth_asym_id 
_pdbx_unobs_or_zero_occ_residues.auth_comp_id 
_pdbx_unobs_or_zero_occ_residues.auth_seq_id 
_pdbx_unobs_or_zero_occ_residues.PDB_ins_code 
_pdbx_unobs_or_zero_occ_residues.label_asym_id 
_pdbx_unobs_or_zero_occ_residues.label_comp_id 
_pdbx_unobs_or_zero_occ_residues.label_seq_id 
1 1 Y 1 A LYS 54 ? A LYS 54 
2 1 Y 1 A TYR 55 ? A TYR 55 
3 1 Y 1 A ARG 56 ? A ARG 56 
# 
loop_
_chem_comp_atom.comp_id 
_chem_comp_atom.atom_id 
_chem_comp_atom.type_symbol 
_chem_comp_atom.pdbx_aromatic_flag 
_chem_comp_atom.pdbx_stereo_config 
_chem_comp_atom.pdbx_ordinal 
ALA N    N N N 1   
ALA CA   C N S 2   
ALA C    C N N 3   
ALA O    O N N 4   
ALA CB   C N N 5   
ALA OXT  O N N 6   
ALA H    H N N 7   
ALA H2   H N N 8   
ALA HA   H N N 9   
ALA HB1  H N N 10  
ALA HB2  H N N 11  
ALA HB3  H N N 12  
ALA HXT  H N N 13  
ARG N    N N N 14  
ARG CA   C N S 15  
ARG C    C N N 16  
ARG O    O N N 17  
ARG CB   C N N 18  
ARG CG   C N N 19  
ARG CD   C N N 20  
ARG NE   N N N 21  
ARG CZ   C N N 22  
ARG NH1  N N N 23  
ARG NH2  N N N 24  
ARG OXT  O N N 25  
ARG H    H N N 26  
ARG H2   H N N 27  
ARG HA   H N N 28  
ARG HB2  H N N 29  
ARG HB3  H N N 30  
ARG HG2  H N N 31  
ARG HG3  H N N 32  
ARG HD2  H N N 33  
ARG HD3  H N N 34  
ARG HE   H N N 35  
ARG HH11 H N N 36  
ARG HH12 H N N 37  
ARG HH21 H N N 38  
ARG HH22 H N N 39  
ARG HXT  H N N 40  
ASN N    N N N 41  
ASN CA   C N S 42  
ASN C    C N N 43  
ASN O    O N N 44  
ASN CB   C N N 45  
ASN CG   C N N 46  
ASN OD1  O N N 47  
ASN ND2  N N N 48  
ASN OXT  O N N 49  
ASN H    H N N 50  
ASN H2   H N N 51  
ASN HA   H N N 52  
ASN HB2  H N N 53  
ASN HB3  H N N 54  
ASN HD21 H N N 55  
ASN HD22 H N N 56  
ASN HXT  H N N 57  
ASP N    N N N 58  
ASP CA   C N S 59  
ASP C    C N N 60  
ASP O    O N N 61  
ASP CB   C N N 62  
ASP CG   C N N 63  
ASP OD1  O N N 64  
ASP OD2  O N N 65  
ASP OXT  O N N 66  
ASP H    H N N 67  
ASP H2   H N N 68  
ASP HA   H N N 69  
ASP HB2  H N N 70  
ASP HB3  H N N 71  
ASP HD2  H N N 72  
ASP HXT  H N N 73  
GLN N    N N N 74  
GLN CA   C N S 75  
GLN C    C N N 76  
GLN O    O N N 77  
GLN CB   C N N 78  
GLN CG   C N N 79  
GLN CD   C N N 80  
GLN OE1  O N N 81  
GLN NE2  N N N 82  
GLN OXT  O N N 83  
GLN H    H N N 84  
GLN H2   H N N 85  
GLN HA   H N N 86  
GLN HB2  H N N 87  
GLN HB3  H N N 88  
GLN HG2  H N N 89  
GLN HG3  H N N 90  
GLN HE21 H N N 91  
GLN HE22 H N N 92  
GLN HXT  H N N 93  
HOH O    O N N 94  
HOH H1   H N N 95  
HOH H2   H N N 96  
ILE N    N N N 97  
ILE CA   C N S 98  
ILE C    C N N 99  
ILE O    O N N 100 
ILE CB   C N S 101 
ILE CG1  C N N 102 
ILE CG2  C N N 103 
ILE CD1  C N N 104 
ILE OXT  O N N 105 
ILE H    H N N 106 
ILE H2   H N N 107 
ILE HA   H N N 108 
ILE HB   H N N 109 
ILE HG12 H N N 110 
ILE HG13 H N N 111 
ILE HG21 H N N 112 
ILE HG22 H N N 113 
ILE HG23 H N N 114 
ILE HD11 H N N 115 
ILE HD12 H N N 116 
ILE HD13 H N N 117 
ILE HXT  H N N 118 
LEU N    N N N 119 
LEU CA   C N S 120 
LEU C    C N N 121 
LEU O    O N N 122 
LEU CB   C N N 123 
LEU CG   C N N 124 
LEU CD1  C N N 125 
LEU CD2  C N N 126 
LEU OXT  O N N 127 
LEU H    H N N 128 
LEU H2   H N N 129 
LEU HA   H N N 130 
LEU HB2  H N N 131 
LEU HB3  H N N 132 
LEU HG   H N N 133 
LEU HD11 H N N 134 
LEU HD12 H N N 135 
LEU HD13 H N N 136 
LEU HD21 H N N 137 
LEU HD22 H N N 138 
LEU HD23 H N N 139 
LEU HXT  H N N 140 
LYS N    N N N 141 
LYS CA   C N S 142 
LYS C    C N N 143 
LYS O    O N N 144 
LYS CB   C N N 145 
LYS CG   C N N 146 
LYS CD   C N N 147 
LYS CE   C N N 148 
LYS NZ   N N N 149 
LYS OXT  O N N 150 
LYS H    H N N 151 
LYS H2   H N N 152 
LYS HA   H N N 153 
LYS HB2  H N N 154 
LYS HB3  H N N 155 
LYS HG2  H N N 156 
LYS HG3  H N N 157 
LYS HD2  H N N 158 
LYS HD3  H N N 159 
LYS HE2  H N N 160 
LYS HE3  H N N 161 
LYS HZ1  H N N 162 
LYS HZ2  H N N 163 
LYS HZ3  H N N 164 
LYS HXT  H N N 165 
MET N    N N N 166 
MET CA   C N S 167 
MET C    C N N 168 
MET O    O N N 169 
MET CB   C N N 170 
MET CG   C N N 171 
MET SD   S N N 172 
MET CE   C N N 173 
MET OXT  O N N 174 
MET H    H N N 175 
MET H2   H N N 176 
MET HA   H N N 177 
MET HB2  H N N 178 
MET HB3  H N N 179 
MET HG2  H N N 180 
MET HG3  H N N 181 
MET HE1  H N N 182 
MET HE2  H N N 183 
MET HE3  H N N 184 
MET HXT  H N N 185 
SER N    N N N 186 
SER CA   C N S 187 
SER C    C N N 188 
SER O    O N N 189 
SER CB   C N N 190 
SER OG   O N N 191 
SER OXT  O N N 192 
SER H    H N N 193 
SER H2   H N N 194 
SER HA   H N N 195 
SER HB2  H N N 196 
SER HB3  H N N 197 
SER HG   H N N 198 
SER HXT  H N N 199 
THR N    N N N 200 
THR CA   C N S 201 
THR C    C N N 202 
THR O    O N N 203 
THR CB   C N R 204 
THR OG1  O N N 205 
THR CG2  C N N 206 
THR OXT  O N N 207 
THR H    H N N 208 
THR H2   H N N 209 
THR HA   H N N 210 
THR HB   H N N 211 
THR HG1  H N N 212 
THR HG21 H N N 213 
THR HG22 H N N 214 
THR HG23 H N N 215 
THR HXT  H N N 216 
TYR N    N N N 217 
TYR CA   C N S 218 
TYR C    C N N 219 
TYR O    O N N 220 
TYR CB   C N N 221 
TYR CG   C Y N 222 
TYR CD1  C Y N 223 
TYR CD2  C Y N 224 
TYR CE1  C Y N 225 
TYR CE2  C Y N 226 
TYR CZ   C Y N 227 
TYR OH   O N N 228 
TYR OXT  O N N 229 
TYR H    H N N 230 
TYR H2   H N N 231 
TYR HA   H N N 232 
TYR HB2  H N N 233 
TYR HB3  H N N 234 
TYR HD1  H N N 235 
TYR HD2  H N N 236 
TYR HE1  H N N 237 
TYR HE2  H N N 238 
TYR HH   H N N 239 
TYR HXT  H N N 240 
VAL N    N N N 241 
VAL CA   C N S 242 
VAL C    C N N 243 
VAL O    O N N 244 
VAL CB   C N N 245 
VAL CG1  C N N 246 
VAL CG2  C N N 247 
VAL OXT  O N N 248 
VAL H    H N N 249 
VAL H2   H N N 250 
VAL HA   H N N 251 
VAL HB   H N N 252 
VAL HG11 H N N 253 
VAL HG12 H N N 254 
VAL HG13 H N N 255 
VAL HG21 H N N 256 
VAL HG22 H N N 257 
VAL HG23 H N N 258 
VAL HXT  H N N 259 
# 
loop_
_chem_comp_bond.comp_id 
_chem_comp_bond.atom_id_1 
_chem_comp_bond.atom_id_2 
_chem_comp_bond.value_order 
_chem_comp_bond.pdbx_aromatic_flag 
_chem_comp_bond.pdbx_stereo_config 
_chem_comp_bond.pdbx_ordinal 
ALA N   CA   sing N N 1   
ALA N   H    sing N N 2   
ALA N   H2   sing N N 3   
ALA CA  C    sing N N 4   
ALA CA  CB   sing N N 5   
ALA CA  HA   sing N N 6   
ALA C   O    doub N N 7   
ALA C   OXT  sing N N 8   
ALA CB  HB1  sing N N 9   
ALA CB  HB2  sing N N 10  
ALA CB  HB3  sing N N 11  
ALA OXT HXT  sing N N 12  
ARG N   CA   sing N N 13  
ARG N   H    sing N N 14  
ARG N   H2   sing N N 15  
ARG CA  C    sing N N 16  
ARG CA  CB   sing N N 17  
ARG CA  HA   sing N N 18  
ARG C   O    doub N N 19  
ARG C   OXT  sing N N 20  
ARG CB  CG   sing N N 21  
ARG CB  HB2  sing N N 22  
ARG CB  HB3  sing N N 23  
ARG CG  CD   sing N N 24  
ARG CG  HG2  sing N N 25  
ARG CG  HG3  sing N N 26  
ARG CD  NE   sing N N 27  
ARG CD  HD2  sing N N 28  
ARG CD  HD3  sing N N 29  
ARG NE  CZ   sing N N 30  
ARG NE  HE   sing N N 31  
ARG CZ  NH1  sing N N 32  
ARG CZ  NH2  doub N N 33  
ARG NH1 HH11 sing N N 34  
ARG NH1 HH12 sing N N 35  
ARG NH2 HH21 sing N N 36  
ARG NH2 HH22 sing N N 37  
ARG OXT HXT  sing N N 38  
ASN N   CA   sing N N 39  
ASN N   H    sing N N 40  
ASN N   H2   sing N N 41  
ASN CA  C    sing N N 42  
ASN CA  CB   sing N N 43  
ASN CA  HA   sing N N 44  
ASN C   O    doub N N 45  
ASN C   OXT  sing N N 46  
ASN CB  CG   sing N N 47  
ASN CB  HB2  sing N N 48  
ASN CB  HB3  sing N N 49  
ASN CG  OD1  doub N N 50  
ASN CG  ND2  sing N N 51  
ASN ND2 HD21 sing N N 52  
ASN ND2 HD22 sing N N 53  
ASN OXT HXT  sing N N 54  
ASP N   CA   sing N N 55  
ASP N   H    sing N N 56  
ASP N   H2   sing N N 57  
ASP CA  C    sing N N 58  
ASP CA  CB   sing N N 59  
ASP CA  HA   sing N N 60  
ASP C   O    doub N N 61  
ASP C   OXT  sing N N 62  
ASP CB  CG   sing N N 63  
ASP CB  HB2  sing N N 64  
ASP CB  HB3  sing N N 65  
ASP CG  OD1  doub N N 66  
ASP CG  OD2  sing N N 67  
ASP OD2 HD2  sing N N 68  
ASP OXT HXT  sing N N 69  
GLN N   CA   sing N N 70  
GLN N   H    sing N N 71  
GLN N   H2   sing N N 72  
GLN CA  C    sing N N 73  
GLN CA  CB   sing N N 74  
GLN CA  HA   sing N N 75  
GLN C   O    doub N N 76  
GLN C   OXT  sing N N 77  
GLN CB  CG   sing N N 78  
GLN CB  HB2  sing N N 79  
GLN CB  HB3  sing N N 80  
GLN CG  CD   sing N N 81  
GLN CG  HG2  sing N N 82  
GLN CG  HG3  sing N N 83  
GLN CD  OE1  doub N N 84  
GLN CD  NE2  sing N N 85  
GLN NE2 HE21 sing N N 86  
GLN NE2 HE22 sing N N 87  
GLN OXT HXT  sing N N 88  
HOH O   H1   sing N N 89  
HOH O   H2   sing N N 90  
ILE N   CA   sing N N 91  
ILE N   H    sing N N 92  
ILE N   H2   sing N N 93  
ILE CA  C    sing N N 94  
ILE CA  CB   sing N N 95  
ILE CA  HA   sing N N 96  
ILE C   O    doub N N 97  
ILE C   OXT  sing N N 98  
ILE CB  CG1  sing N N 99  
ILE CB  CG2  sing N N 100 
ILE CB  HB   sing N N 101 
ILE CG1 CD1  sing N N 102 
ILE CG1 HG12 sing N N 103 
ILE CG1 HG13 sing N N 104 
ILE CG2 HG21 sing N N 105 
ILE CG2 HG22 sing N N 106 
ILE CG2 HG23 sing N N 107 
ILE CD1 HD11 sing N N 108 
ILE CD1 HD12 sing N N 109 
ILE CD1 HD13 sing N N 110 
ILE OXT HXT  sing N N 111 
LEU N   CA   sing N N 112 
LEU N   H    sing N N 113 
LEU N   H2   sing N N 114 
LEU CA  C    sing N N 115 
LEU CA  CB   sing N N 116 
LEU CA  HA   sing N N 117 
LEU C   O    doub N N 118 
LEU C   OXT  sing N N 119 
LEU CB  CG   sing N N 120 
LEU CB  HB2  sing N N 121 
LEU CB  HB3  sing N N 122 
LEU CG  CD1  sing N N 123 
LEU CG  CD2  sing N N 124 
LEU CG  HG   sing N N 125 
LEU CD1 HD11 sing N N 126 
LEU CD1 HD12 sing N N 127 
LEU CD1 HD13 sing N N 128 
LEU CD2 HD21 sing N N 129 
LEU CD2 HD22 sing N N 130 
LEU CD2 HD23 sing N N 131 
LEU OXT HXT  sing N N 132 
LYS N   CA   sing N N 133 
LYS N   H    sing N N 134 
LYS N   H2   sing N N 135 
LYS CA  C    sing N N 136 
LYS CA  CB   sing N N 137 
LYS CA  HA   sing N N 138 
LYS C   O    doub N N 139 
LYS C   OXT  sing N N 140 
LYS CB  CG   sing N N 141 
LYS CB  HB2  sing N N 142 
LYS CB  HB3  sing N N 143 
LYS CG  CD   sing N N 144 
LYS CG  HG2  sing N N 145 
LYS CG  HG3  sing N N 146 
LYS CD  CE   sing N N 147 
LYS CD  HD2  sing N N 148 
LYS CD  HD3  sing N N 149 
LYS CE  NZ   sing N N 150 
LYS CE  HE2  sing N N 151 
LYS CE  HE3  sing N N 152 
LYS NZ  HZ1  sing N N 153 
LYS NZ  HZ2  sing N N 154 
LYS NZ  HZ3  sing N N 155 
LYS OXT HXT  sing N N 156 
MET N   CA   sing N N 157 
MET N   H    sing N N 158 
MET N   H2   sing N N 159 
MET CA  C    sing N N 160 
MET CA  CB   sing N N 161 
MET CA  HA   sing N N 162 
MET C   O    doub N N 163 
MET C   OXT  sing N N 164 
MET CB  CG   sing N N 165 
MET CB  HB2  sing N N 166 
MET CB  HB3  sing N N 167 
MET CG  SD   sing N N 168 
MET CG  HG2  sing N N 169 
MET CG  HG3  sing N N 170 
MET SD  CE   sing N N 171 
MET CE  HE1  sing N N 172 
MET CE  HE2  sing N N 173 
MET CE  HE3  sing N N 174 
MET OXT HXT  sing N N 175 
SER N   CA   sing N N 176 
SER N   H    sing N N 177 
SER N   H2   sing N N 178 
SER CA  C    sing N N 179 
SER CA  CB   sing N N 180 
SER CA  HA   sing N N 181 
SER C   O    doub N N 182 
SER C   OXT  sing N N 183 
SER CB  OG   sing N N 184 
SER CB  HB2  sing N N 185 
SER CB  HB3  sing N N 186 
SER OG  HG   sing N N 187 
SER OXT HXT  sing N N 188 
THR N   CA   sing N N 189 
THR N   H    sing N N 190 
THR N   H2   sing N N 191 
THR CA  C    sing N N 192 
THR CA  CB   sing N N 193 
THR CA  HA   sing N N 194 
THR C   O    doub N N 195 
THR C   OXT  sing N N 196 
THR CB  OG1  sing N N 197 
THR CB  CG2  sing N N 198 
THR CB  HB   sing N N 199 
THR OG1 HG1  sing N N 200 
THR CG2 HG21 sing N N 201 
THR CG2 HG22 sing N N 202 
THR CG2 HG23 sing N N 203 
THR OXT HXT  sing N N 204 
TYR N   CA   sing N N 205 
TYR N   H    sing N N 206 
TYR N   H2   sing N N 207 
TYR CA  C    sing N N 208 
TYR CA  CB   sing N N 209 
TYR CA  HA   sing N N 210 
TYR C   O    doub N N 211 
TYR C   OXT  sing N N 212 
TYR CB  CG   sing N N 213 
TYR CB  HB2  sing N N 214 
TYR CB  HB3  sing N N 215 
TYR CG  CD1  doub Y N 216 
TYR CG  CD2  sing Y N 217 
TYR CD1 CE1  sing Y N 218 
TYR CD1 HD1  sing N N 219 
TYR CD2 CE2  doub Y N 220 
TYR CD2 HD2  sing N N 221 
TYR CE1 CZ   doub Y N 222 
TYR CE1 HE1  sing N N 223 
TYR CE2 CZ   sing Y N 224 
TYR CE2 HE2  sing N N 225 
TYR CZ  OH   sing N N 226 
TYR OH  HH   sing N N 227 
TYR OXT HXT  sing N N 228 
VAL N   CA   sing N N 229 
VAL N   H    sing N N 230 
VAL N   H2   sing N N 231 
VAL CA  C    sing N N 232 
VAL CA  CB   sing N N 233 
VAL CA  HA   sing N N 234 
VAL C   O    doub N N 235 
VAL C   OXT  sing N N 236 
VAL CB  CG1  sing N N 237 
VAL CB  CG2  sing N N 238 
VAL CB  HB   sing N N 239 
VAL CG1 HG11 sing N N 240 
VAL CG1 HG12 sing N N 241 
VAL CG1 HG13 sing N N 242 
VAL CG2 HG21 sing N N 243 
VAL CG2 HG22 sing N N 244 
VAL CG2 HG23 sing N N 245 
VAL OXT HXT  sing N N 246 
# 
_atom_sites.entry_id                    1KFN 
_atom_sites.fract_transf_matrix[1][1]   -0.01953454 
_atom_sites.fract_transf_matrix[1][2]   -0.01276355 
_atom_sites.fract_transf_matrix[1][3]   -0.02163153 
_atom_sites.fract_transf_matrix[2][1]   -0.01433673 
_atom_sites.fract_transf_matrix[2][2]   0.01862769 
_atom_sites.fract_transf_matrix[2][3]   -0.02144566 
_atom_sites.fract_transf_matrix[3][1]   0.00924549 
_atom_sites.fract_transf_matrix[3][2]   -0.00148664 
_atom_sites.fract_transf_matrix[3][3]   -0.00747203 
_atom_sites.fract_transf_vector[1]      0.728136 
_atom_sites.fract_transf_vector[2]      0.311390 
_atom_sites.fract_transf_vector[3]      -0.020400 
# 
loop_
_atom_type.symbol 
C 
N 
O 
S 
# 
loop_
_atom_site.group_PDB 
_atom_site.id 
_atom_site.type_symbol 
_atom_site.label_atom_id 
_atom_site.label_alt_id 
_atom_site.label_comp_id 
_atom_site.label_asym_id 
_atom_site.label_entity_id 
_atom_site.label_seq_id 
_atom_site.pdbx_PDB_ins_code 
_atom_site.Cartn_x 
_atom_site.Cartn_y 
_atom_site.Cartn_z 
_atom_site.occupancy 
_atom_site.B_iso_or_equiv 
_atom_site.pdbx_formal_charge 
_atom_site.auth_seq_id 
_atom_site.auth_comp_id 
_atom_site.auth_asym_id 
_atom_site.auth_atom_id 
_atom_site.pdbx_PDB_model_num 
ATOM   1   N N   . SER A 1 1  ? -30.633 13.475  16.947  1.00 40.24 ? 1   SER A N   1 
ATOM   2   C CA  . SER A 1 1  ? -31.191 12.347  17.746  1.00 39.87 ? 1   SER A CA  1 
ATOM   3   C C   . SER A 1 1  ? -30.078 11.391  18.158  1.00 38.67 ? 1   SER A C   1 
ATOM   4   O O   . SER A 1 1  ? -29.206 11.069  17.355  1.00 38.30 ? 1   SER A O   1 
ATOM   5   C CB  . SER A 1 1  ? -32.239 11.595  16.925  1.00 40.96 ? 1   SER A CB  1 
ATOM   6   O OG  . SER A 1 1  ? -32.669 10.428  17.604  1.00 42.85 ? 1   SER A OG  1 
ATOM   7   N N   . SER A 1 2  ? -30.104 10.947  19.411  1.00 37.63 ? 2   SER A N   1 
ATOM   8   C CA  . SER A 1 2  ? -29.085 10.029  19.914  1.00 36.04 ? 2   SER A CA  1 
ATOM   9   C C   . SER A 1 2  ? -29.018 8.776   19.053  1.00 34.09 ? 2   SER A C   1 
ATOM   10  O O   . SER A 1 2  ? -27.944 8.400   18.580  1.00 33.31 ? 2   SER A O   1 
ATOM   11  C CB  . SER A 1 2  ? -29.373 9.638   21.364  1.00 37.49 ? 2   SER A CB  1 
ATOM   12  O OG  . SER A 1 2  ? -28.352 8.787   21.857  1.00 39.95 ? 2   SER A OG  1 
ATOM   13  N N   . ASN A 1 3  ? -30.162 8.124   18.857  1.00 31.29 ? 3   ASN A N   1 
ATOM   14  C CA  . ASN A 1 3  ? -30.210 6.934   18.029  1.00 30.86 ? 3   ASN A CA  1 
ATOM   15  C C   . ASN A 1 3  ? -29.781 7.284   16.603  1.00 27.74 ? 3   ASN A C   1 
ATOM   16  O O   . ASN A 1 3  ? -29.026 6.546   15.991  1.00 26.91 ? 3   ASN A O   1 
ATOM   17  C CB  . ASN A 1 3  ? -31.621 6.332   17.997  1.00 31.99 ? 3   ASN A CB  1 
ATOM   18  C CG  . ASN A 1 3  ? -31.974 5.566   19.272  1.00 35.82 ? 3   ASN A CG  1 
ATOM   19  O OD1 . ASN A 1 3  ? -31.179 4.771   19.779  1.00 34.42 ? 3   ASN A OD1 1 
ATOM   20  N ND2 . ASN A 1 3  ? -33.186 5.790   19.781  1.00 36.19 ? 3   ASN A ND2 1 
ATOM   21  N N   . ALA A 1 4  ? -30.263 8.410   16.077  1.00 25.22 ? 4   ALA A N   1 
ATOM   22  C CA  . ALA A 1 4  ? -29.906 8.819   14.712  1.00 23.84 ? 4   ALA A CA  1 
ATOM   23  C C   . ALA A 1 4  ? -28.404 9.022   14.557  1.00 21.49 ? 4   ALA A C   1 
ATOM   24  O O   . ALA A 1 4  ? -27.818 8.667   13.536  1.00 21.93 ? 4   ALA A O   1 
ATOM   25  C CB  . ALA A 1 4  ? -30.633 10.101  14.333  1.00 23.78 ? 4   ALA A CB  1 
ATOM   26  N N   . LYS A 1 5  ? -27.792 9.606   15.575  1.00 21.78 ? 5   LYS A N   1 
ATOM   27  C CA  . LYS A 1 5  ? -26.366 9.865   15.541  1.00 20.13 ? 5   LYS A CA  1 
ATOM   28  C C   . LYS A 1 5  ? -25.595 8.563   15.645  1.00 19.89 ? 5   LYS A C   1 
ATOM   29  O O   . LYS A 1 5  ? -24.546 8.413   15.028  1.00 19.50 ? 5   LYS A O   1 
ATOM   30  C CB  . LYS A 1 5  ? -25.978 10.796  16.691  1.00 24.59 ? 5   LYS A CB  1 
ATOM   31  C CG  . LYS A 1 5  ? -24.520 11.160  16.727  1.00 25.98 ? 5   LYS A CG  1 
ATOM   32  C CD  . LYS A 1 5  ? -24.115 12.111  15.601  1.00 29.36 ? 5   LYS A CD  1 
ATOM   33  C CE  . LYS A 1 5  ? -23.001 11.529  14.756  1.00 30.63 ? 5   LYS A CE  1 
ATOM   34  N NZ  . LYS A 1 5  ? -23.479 10.440  13.858  1.00 31.32 ? 5   LYS A NZ  1 
ATOM   35  N N   . ILE A 1 6  ? -26.097 7.632   16.453  1.00 18.84 ? 6   ILE A N   1 
ATOM   36  C CA  . ILE A 1 6  ? -25.434 6.339   16.596  1.00 17.67 ? 6   ILE A CA  1 
ATOM   37  C C   . ILE A 1 6  ? -25.507 5.606   15.265  1.00 17.74 ? 6   ILE A C   1 
ATOM   38  O O   . ILE A 1 6  ? -24.532 5.005   14.822  1.00 17.14 ? 6   ILE A O   1 
ATOM   39  C CB  . ILE A 1 6  ? -26.112 5.481   17.683  1.00 17.78 ? 6   ILE A CB  1 
ATOM   40  C CG1 . ILE A 1 6  ? -25.923 6.145   19.046  1.00 23.56 ? 6   ILE A CG1 1 
ATOM   41  C CG2 . ILE A 1 6  ? -25.548 4.068   17.671  1.00 18.11 ? 6   ILE A CG2 1 
ATOM   42  C CD1 . ILE A 1 6  ? -26.640 5.419   20.193  1.00 23.24 ? 6   ILE A CD1 1 
ATOM   43  N N   . ASP A 1 7  ? -26.664 5.668   14.615  1.00 19.00 ? 7   ASP A N   1 
ATOM   44  C CA  . ASP A 1 7  ? -26.826 4.987   13.337  1.00 19.59 ? 7   ASP A CA  1 
ATOM   45  C C   . ASP A 1 7  ? -25.914 5.606   12.294  1.00 19.69 ? 7   ASP A C   1 
ATOM   46  O O   . ASP A 1 7  ? -25.291 4.887   11.523  1.00 20.40 ? 7   ASP A O   1 
ATOM   47  C CB  . ASP A 1 7  ? -28.289 5.014   12.878  1.00 24.86 ? 7   ASP A CB  1 
ATOM   48  C CG  . ASP A 1 7  ? -29.222 4.304   13.856  1.00 26.38 ? 7   ASP A CG  1 
ATOM   49  O OD1 . ASP A 1 7  ? -28.788 3.327   14.497  1.00 27.83 ? 7   ASP A OD1 1 
ATOM   50  O OD2 . ASP A 1 7  ? -30.396 4.716   13.965  1.00 30.15 ? 7   ASP A OD2 1 
ATOM   51  N N   . GLN A 1 8  ? -25.787 6.927   12.277  1.00 17.77 ? 8   GLN A N   1 
ATOM   52  C CA  . GLN A 1 8  ? -24.890 7.539   11.306  1.00 18.61 ? 8   GLN A CA  1 
ATOM   53  C C   . GLN A 1 8  ? -23.440 7.106   11.575  1.00 18.13 ? 8   GLN A C   1 
ATOM   54  O O   . GLN A 1 8  ? -22.696 6.808   10.650  1.00 16.84 ? 8   GLN A O   1 
ATOM   55  C CB  . GLN A 1 8  ? -25.019 9.068   11.333  1.00 21.20 ? 8   GLN A CB  1 
ATOM   56  C CG  . GLN A 1 8  ? -23.995 9.783   10.441  1.00 24.90 ? 8   GLN A CG  1 
ATOM   57  C CD  . GLN A 1 8  ? -24.027 9.306   8.987   1.00 29.36 ? 8   GLN A CD  1 
ATOM   58  O OE1 . GLN A 1 8  ? -23.046 9.452   8.253   1.00 31.31 ? 8   GLN A OE1 1 
ATOM   59  N NE2 . GLN A 1 8  ? -25.157 8.744   8.567   1.00 32.11 ? 8   GLN A NE2 1 
ATOM   60  N N   . LEU A 1 9  ? -23.042 7.045   12.845  1.00 16.61 ? 9   LEU A N   1 
ATOM   61  C CA  . LEU A 1 9  ? -21.674 6.620   13.172  1.00 15.63 ? 9   LEU A CA  1 
ATOM   62  C C   . LEU A 1 9  ? -21.430 5.172   12.776  1.00 15.94 ? 9   LEU A C   1 
ATOM   63  O O   . LEU A 1 9  ? -20.337 4.818   12.352  1.00 15.60 ? 9   LEU A O   1 
ATOM   64  C CB  . LEU A 1 9  ? -21.391 6.791   14.664  1.00 18.64 ? 9   LEU A CB  1 
ATOM   65  C CG  . LEU A 1 9  ? -21.302 8.253   15.112  1.00 21.16 ? 9   LEU A CG  1 
ATOM   66  C CD1 . LEU A 1 9  ? -21.129 8.297   16.616  1.00 22.42 ? 9   LEU A CD1 1 
ATOM   67  C CD2 . LEU A 1 9  ? -20.152 8.958   14.418  1.00 24.57 ? 9   LEU A CD2 1 
ATOM   68  N N   . SER A 1 10 ? -22.444 4.324   12.909  1.00 16.05 ? 10  SER A N   1 
ATOM   69  C CA  . SER A 1 10 ? -22.285 2.916   12.536  1.00 18.20 ? 10  SER A CA  1 
ATOM   70  C C   . SER A 1 10 ? -21.948 2.818   11.046  1.00 18.21 ? 10  SER A C   1 
ATOM   71  O O   . SER A 1 10 ? -21.030 2.080   10.632  1.00 18.69 ? 10  SER A O   1 
ATOM   72  C CB  . SER A 1 10 ? -23.587 2.154   12.807  1.00 20.18 ? 10  SER A CB  1 
ATOM   73  O OG  . SER A 1 10 ? -23.962 2.263   14.173  1.00 25.92 ? 10  SER A OG  1 
ATOM   74  N N   . SER A 1 11 ? -22.680 3.581   10.251  1.00 20.84 ? 11  SER A N   1 
ATOM   75  C CA  . SER A 1 11 ? -22.473 3.578   8.801   1.00 20.64 ? 11  SER A CA  1 
ATOM   76  C C   . SER A 1 11 ? -21.119 4.176   8.465   1.00 20.57 ? 11  SER A C   1 
ATOM   77  O O   . SER A 1 11 ? -20.436 3.692   7.572   1.00 19.75 ? 11  SER A O   1 
ATOM   78  C CB  . SER A 1 11 ? -23.561 4.381   8.095   1.00 22.94 ? 11  SER A CB  1 
ATOM   79  O OG  . SER A 1 11 ? -23.287 4.462   6.697   1.00 27.45 ? 11  SER A OG  1 
ATOM   80  N N   . ASP A 1 12 ? -20.741 5.232   9.178   1.00 19.74 ? 12  ASP A N   1 
ATOM   81  C CA  . ASP A 1 12 ? -19.457 5.880   8.933   1.00 22.74 ? 12  ASP A CA  1 
ATOM   82  C C   . ASP A 1 12 ? -18.339 4.872   9.182   1.00 21.40 ? 12  ASP A C   1 
ATOM   83  O O   . ASP A 1 12 ? -17.402 4.764   8.403   1.00 22.43 ? 12  ASP A O   1 
ATOM   84  C CB  . ASP A 1 12 ? -19.248 7.089   9.857   1.00 26.58 ? 12  ASP A CB  1 
ATOM   85  C CG  . ASP A 1 12 ? -20.209 8.235   9.575   1.00 30.29 ? 12  ASP A CG  1 
ATOM   86  O OD1 . ASP A 1 12 ? -20.694 8.347   8.429   1.00 34.02 ? 12  ASP A OD1 1 
ATOM   87  O OD2 . ASP A 1 12 ? -20.460 9.044   10.501  1.00 33.81 ? 12  ASP A OD2 1 
ATOM   88  N N   . VAL A 1 13 ? -18.449 4.124   10.278  1.00 20.76 ? 13  VAL A N   1 
ATOM   89  C CA  . VAL A 1 13 ? -17.446 3.131   10.629  1.00 21.17 ? 13  VAL A CA  1 
ATOM   90  C C   . VAL A 1 13 ? -17.309 2.068   9.545   1.00 22.53 ? 13  VAL A C   1 
ATOM   91  O O   . VAL A 1 13 ? -16.199 1.695   9.180   1.00 22.42 ? 13  VAL A O   1 
ATOM   92  C CB  . VAL A 1 13 ? -17.795 2.474   11.995  1.00 20.24 ? 13  VAL A CB  1 
ATOM   93  C CG1 . VAL A 1 13 ? -17.011 1.185   12.196  1.00 22.27 ? 13  VAL A CG1 1 
ATOM   94  C CG2 . VAL A 1 13 ? -17.496 3.470   13.107  1.00 23.56 ? 13  VAL A CG2 1 
ATOM   95  N N   . GLN A 1 14 ? -18.432 1.585   9.026   1.00 23.09 ? 14  GLN A N   1 
ATOM   96  C CA  . GLN A 1 14 ? -18.398 0.573   7.976   1.00 23.33 ? 14  GLN A CA  1 
ATOM   97  C C   . GLN A 1 14 ? -17.694 1.117   6.743   1.00 21.96 ? 14  GLN A C   1 
ATOM   98  O O   . GLN A 1 14 ? -16.907 0.416   6.097   1.00 21.97 ? 14  GLN A O   1 
ATOM   99  C CB  . GLN A 1 14 ? -19.822 0.150   7.596   1.00 25.95 ? 14  GLN A CB  1 
ATOM   100 C CG  . GLN A 1 14 ? -20.547 -0.662  8.666   1.00 30.12 ? 14  GLN A CG  1 
ATOM   101 C CD  . GLN A 1 14 ? -21.990 -0.953  8.284   1.00 33.83 ? 14  GLN A CD  1 
ATOM   102 O OE1 . GLN A 1 14 ? -22.272 -1.317  7.145   1.00 35.86 ? 14  GLN A OE1 1 
ATOM   103 N NE2 . GLN A 1 14 ? -22.909 -0.802  9.241   1.00 36.87 ? 14  GLN A NE2 1 
ATOM   104 N N   . THR A 1 15 ? -17.983 2.369   6.412   1.00 20.88 ? 15  THR A N   1 
ATOM   105 C CA  . THR A 1 15 ? -17.363 2.996   5.249   1.00 21.36 ? 15  THR A CA  1 
ATOM   106 C C   . THR A 1 15 ? -15.867 3.095   5.487   1.00 22.06 ? 15  THR A C   1 
ATOM   107 O O   . THR A 1 15 ? -15.077 2.786   4.603   1.00 20.88 ? 15  THR A O   1 
ATOM   108 C CB  . THR A 1 15 ? -17.958 4.397   4.977   1.00 21.91 ? 15  THR A CB  1 
ATOM   109 O OG1 . THR A 1 15 ? -19.330 4.256   4.594   1.00 23.78 ? 15  THR A OG1 1 
ATOM   110 C CG2 . THR A 1 15 ? -17.209 5.090   3.854   1.00 24.54 ? 15  THR A CG2 1 
ATOM   111 N N   . LEU A 1 16 ? -15.470 3.472   6.703   1.00 21.11 ? 16  LEU A N   1 
ATOM   112 C CA  . LEU A 1 16 ? -14.051 3.580   7.013   1.00 20.34 ? 16  LEU A CA  1 
ATOM   113 C C   . LEU A 1 16 ? -13.346 2.219   6.947   1.00 20.42 ? 16  LEU A C   1 
ATOM   114 O O   . LEU A 1 16 ? -12.202 2.127   6.518   1.00 23.62 ? 16  LEU A O   1 
ATOM   115 C CB  . LEU A 1 16 ? -13.853 4.197   8.401   1.00 22.11 ? 16  LEU A CB  1 
ATOM   116 C CG  . LEU A 1 16 ? -13.989 5.718   8.403   1.00 21.94 ? 16  LEU A CG  1 
ATOM   117 C CD1 . LEU A 1 16 ? -13.909 6.235   9.837   1.00 22.05 ? 16  LEU A CD1 1 
ATOM   118 C CD2 . LEU A 1 16 ? -12.884 6.345   7.569   1.00 25.57 ? 16  LEU A CD2 1 
ATOM   119 N N   . ASN A 1 17 ? -14.031 1.172   7.376   1.00 19.94 ? 17  ASN A N   1 
ATOM   120 C CA  . ASN A 1 17 ? -13.448 -0.166  7.348   1.00 22.47 ? 17  ASN A CA  1 
ATOM   121 C C   . ASN A 1 17 ? -13.080 -0.549  5.925   1.00 22.46 ? 17  ASN A C   1 
ATOM   122 O O   . ASN A 1 17 ? -12.010 -1.113  5.678   1.00 23.36 ? 17  ASN A O   1 
ATOM   123 C CB  . ASN A 1 17 ? -14.439 -1.168  7.909   1.00 26.45 ? 17  ASN A CB  1 
ATOM   124 C CG  . ASN A 1 17 ? -13.902 -1.875  9.115   1.00 30.03 ? 17  ASN A CG  1 
ATOM   125 O OD1 . ASN A 1 17 ? -12.909 -2.608  9.029   1.00 30.28 ? 17  ASN A OD1 1 
ATOM   126 N ND2 . ASN A 1 17 ? -14.536 -1.649  10.260  1.00 31.73 ? 17  ASN A ND2 1 
ATOM   127 N N   . ALA A 1 18 ? -13.973 -0.235  4.994   1.00 20.98 ? 18  ALA A N   1 
ATOM   128 C CA  . ALA A 1 18 ? -13.750 -0.548  3.578   1.00 20.38 ? 18  ALA A CA  1 
ATOM   129 C C   . ALA A 1 18 ? -12.599 0.289   3.017   1.00 21.13 ? 18  ALA A C   1 
ATOM   130 O O   . ALA A 1 18 ? -11.751 -0.198  2.267   1.00 20.84 ? 18  ALA A O   1 
ATOM   131 C CB  . ALA A 1 18 ? -15.018 -0.274  2.796   1.00 20.26 ? 18  ALA A CB  1 
ATOM   132 N N   . LYS A 1 19 ? -12.590 1.567   3.361   1.00 18.69 ? 19  LYS A N   1 
ATOM   133 C CA  . LYS A 1 19 ? -11.528 2.454   2.914   1.00 18.95 ? 19  LYS A CA  1 
ATOM   134 C C   . LYS A 1 19 ? -10.189 2.029   3.509   1.00 18.48 ? 19  LYS A C   1 
ATOM   135 O O   . LYS A 1 19 ? -9.159  2.119   2.850   1.00 19.61 ? 19  LYS A O   1 
ATOM   136 C CB  . LYS A 1 19 ? -11.803 3.891   3.350   1.00 21.16 ? 19  LYS A CB  1 
ATOM   137 C CG  . LYS A 1 19 ? -12.899 4.582   2.602   1.00 23.81 ? 19  LYS A CG  1 
ATOM   138 C CD  . LYS A 1 19 ? -13.096 5.966   3.199   1.00 25.58 ? 19  LYS A CD  1 
ATOM   139 C CE  . LYS A 1 19 ? -14.348 6.636   2.703   1.00 31.18 ? 19  LYS A CE  1 
ATOM   140 N NZ  . LYS A 1 19 ? -14.571 7.891   3.478   1.00 33.36 ? 19  LYS A NZ  1 
ATOM   141 N N   . VAL A 1 20 ? -10.213 1.592   4.769   1.00 18.18 ? 20  VAL A N   1 
ATOM   142 C CA  . VAL A 1 20 ? -9.004  1.183   5.476   1.00 19.76 ? 20  VAL A CA  1 
ATOM   143 C C   . VAL A 1 20 ? -8.414  -0.082  4.871   1.00 18.88 ? 20  VAL A C   1 
ATOM   144 O O   . VAL A 1 20 ? -7.207  -0.178  4.667   1.00 18.30 ? 20  VAL A O   1 
ATOM   145 C CB  . VAL A 1 20 ? -9.302  0.904   6.965   1.00 16.68 ? 20  VAL A CB  1 
ATOM   146 C CG1 . VAL A 1 20 ? -8.189  0.066   7.573   1.00 22.27 ? 20  VAL A CG1 1 
ATOM   147 C CG2 . VAL A 1 20 ? -9.457  2.228   7.737   1.00 21.63 ? 20  VAL A CG2 1 
ATOM   148 N N   . ASP A 1 21 ? -9.276  -1.048  4.597   1.00 20.78 ? 21  ASP A N   1 
ATOM   149 C CA  . ASP A 1 21 ? -8.821  -2.314  4.006   1.00 21.71 ? 21  ASP A CA  1 
ATOM   150 C C   . ASP A 1 21 ? -8.272  -2.058  2.596   1.00 22.39 ? 21  ASP A C   1 
ATOM   151 O O   . ASP A 1 21 ? -7.303  -2.697  2.161   1.00 20.90 ? 21  ASP A O   1 
ATOM   152 C CB  . ASP A 1 21 ? -9.992  -3.305  3.938   1.00 24.74 ? 21  ASP A CB  1 
ATOM   153 C CG  . ASP A 1 21 ? -10.454 -3.780  5.311   1.00 29.94 ? 21  ASP A CG  1 
ATOM   154 O OD1 . ASP A 1 21 ? -11.533 -4.415  5.379   1.00 30.81 ? 21  ASP A OD1 1 
ATOM   155 O OD2 . ASP A 1 21 ? -9.748  -3.534  6.317   1.00 31.98 ? 21  ASP A OD2 1 
ATOM   156 N N   . GLN A 1 22 ? -8.873  -1.118  1.873   1.00 20.54 ? 22  GLN A N   1 
ATOM   157 C CA  . GLN A 1 22 ? -8.403  -0.823  0.529   1.00 21.41 ? 22  GLN A CA  1 
ATOM   158 C C   . GLN A 1 22 ? -7.049  -0.109  0.559   1.00 20.61 ? 22  GLN A C   1 
ATOM   159 O O   . GLN A 1 22 ? -6.186  -0.358  -0.289  1.00 23.06 ? 22  GLN A O   1 
ATOM   160 C CB  . GLN A 1 22 ? -9.445  0.021   -0.224  1.00 22.46 ? 22  GLN A CB  1 
ATOM   161 C CG  . GLN A 1 22 ? -9.099  0.358   -1.670  1.00 25.30 ? 22  GLN A CG  1 
ATOM   162 C CD  . GLN A 1 22 ? -8.862  -0.865  -2.549  1.00 27.53 ? 22  GLN A CD  1 
ATOM   163 O OE1 . GLN A 1 22 ? -9.598  -1.849  -2.487  1.00 29.58 ? 22  GLN A OE1 1 
ATOM   164 N NE2 . GLN A 1 22 ? -7.838  -0.791  -3.387  1.00 29.58 ? 22  GLN A NE2 1 
ATOM   165 N N   . ALA A 1 23 ? -6.853  0.775   1.541   1.00 19.22 ? 23  ALA A N   1 
ATOM   166 C CA  . ALA A 1 23 ? -5.591  1.501   1.643   1.00 17.68 ? 23  ALA A CA  1 
ATOM   167 C C   . ALA A 1 23 ? -4.467  0.525   1.975   1.00 18.97 ? 23  ALA A C   1 
ATOM   168 O O   . ALA A 1 23 ? -3.332  0.705   1.523   1.00 21.67 ? 23  ALA A O   1 
ATOM   169 C CB  . ALA A 1 23 ? -5.679  2.574   2.716   1.00 18.30 ? 23  ALA A CB  1 
ATOM   170 N N   . SER A 1 24 ? -4.772  -0.492  2.770   1.00 17.65 ? 24  SER A N   1 
ATOM   171 C CA  . SER A 1 24 ? -3.762  -1.489  3.128   1.00 19.74 ? 24  SER A CA  1 
ATOM   172 C C   . SER A 1 24 ? -3.385  -2.320  1.916   1.00 21.41 ? 24  SER A C   1 
ATOM   173 O O   . SER A 1 24 ? -2.222  -2.644  1.717   1.00 20.03 ? 24  SER A O   1 
ATOM   174 C CB  . SER A 1 24 ? -4.262  -2.431  4.217   1.00 20.75 ? 24  SER A CB  1 
ATOM   175 O OG  . SER A 1 24 ? -3.231  -3.365  4.534   1.00 21.69 ? 24  SER A OG  1 
ATOM   176 N N   . ASN A 1 25 ? -4.383  -2.711  1.134   1.00 21.10 ? 25  ASN A N   1 
ATOM   177 C CA  . ASN A 1 25 ? -4.116  -3.478  -0.088  1.00 20.27 ? 25  ASN A CA  1 
ATOM   178 C C   . ASN A 1 25 ? -3.187  -2.691  -0.997  1.00 21.65 ? 25  ASN A C   1 
ATOM   179 O O   . ASN A 1 25 ? -2.213  -3.240  -1.520  1.00 21.76 ? 25  ASN A O   1 
ATOM   180 C CB  . ASN A 1 25 ? -5.410  -3.771  -0.844  1.00 20.50 ? 25  ASN A CB  1 
ATOM   181 C CG  . ASN A 1 25 ? -6.200  -4.896  -0.225  1.00 24.00 ? 25  ASN A CG  1 
ATOM   182 O OD1 . ASN A 1 25 ? -7.358  -5.124  -0.585  1.00 28.38 ? 25  ASN A OD1 1 
ATOM   183 N ND2 . ASN A 1 25 ? -5.580  -5.622  0.706   1.00 23.87 ? 25  ASN A ND2 1 
ATOM   184 N N   . ASP A 1 26 ? -3.478  -1.402  -1.182  1.00 17.04 ? 26  ASP A N   1 
ATOM   185 C CA  . ASP A 1 26 ? -2.668  -0.567  -2.040  1.00 20.09 ? 26  ASP A CA  1 
ATOM   186 C C   . ASP A 1 26 ? -1.272  -0.424  -1.489  1.00 17.91 ? 26  ASP A C   1 
ATOM   187 O O   . ASP A 1 26 ? -0.308  -0.448  -2.240  1.00 18.37 ? 26  ASP A O   1 
ATOM   188 C CB  . ASP A 1 26 ? -3.281  0.832   -2.208  1.00 20.85 ? 26  ASP A CB  1 
ATOM   189 C CG  . ASP A 1 26 ? -4.508  0.821   -3.087  1.00 27.07 ? 26  ASP A CG  1 
ATOM   190 O OD1 . ASP A 1 26 ? -4.573  -0.061  -3.971  1.00 28.62 ? 26  ASP A OD1 1 
ATOM   191 O OD2 . ASP A 1 26 ? -5.397  1.693   -2.909  1.00 26.60 ? 26  ASP A OD2 1 
ATOM   192 N N   . ALA A 1 27 ? -1.182  -0.289  -0.172  1.00 17.72 ? 27  ALA A N   1 
ATOM   193 C CA  . ALA A 1 27 ? 0.113   -0.097  0.480   1.00 18.99 ? 27  ALA A CA  1 
ATOM   194 C C   . ALA A 1 27 ? 0.974   -1.346  0.399   1.00 19.98 ? 27  ALA A C   1 
ATOM   195 O O   . ALA A 1 27 ? 2.170   -1.271  0.152   1.00 19.73 ? 27  ALA A O   1 
ATOM   196 C CB  . ALA A 1 27 ? -0.087  0.280   1.931   1.00 18.88 ? 27  ALA A CB  1 
ATOM   197 N N   . ASN A 1 28 ? 0.364   -2.493  0.642   1.00 21.07 ? 28  ASN A N   1 
ATOM   198 C CA  . ASN A 1 28 ? 1.101   -3.762  0.588   1.00 22.69 ? 28  ASN A CA  1 
ATOM   199 C C   . ASN A 1 28 ? 1.532   -4.081  -0.824  1.00 22.25 ? 28  ASN A C   1 
ATOM   200 O O   . ASN A 1 28 ? 2.593   -4.676  -1.047  1.00 23.11 ? 28  ASN A O   1 
ATOM   201 C CB  . ASN A 1 28 ? 0.227   -4.891  1.131   1.00 25.40 ? 28  ASN A CB  1 
ATOM   202 C CG  . ASN A 1 28 ? 0.400   -5.084  2.613   1.00 29.54 ? 28  ASN A CG  1 
ATOM   203 O OD1 . ASN A 1 28 ? -0.528  -5.491  3.314   1.00 33.67 ? 28  ASN A OD1 1 
ATOM   204 N ND2 . ASN A 1 28 ? 1.600   -4.804  3.109   1.00 32.31 ? 28  ASN A ND2 1 
ATOM   205 N N   . ALA A 1 29 ? 0.697   -3.719  -1.787  1.00 22.28 ? 29  ALA A N   1 
ATOM   206 C CA  . ALA A 1 29 ? 1.000   -3.948  -3.187  1.00 21.16 ? 29  ALA A CA  1 
ATOM   207 C C   . ALA A 1 29 ? 2.203   -3.075  -3.527  1.00 22.09 ? 29  ALA A C   1 
ATOM   208 O O   . ALA A 1 29 ? 3.156   -3.526  -4.156  1.00 20.62 ? 29  ALA A O   1 
ATOM   209 C CB  . ALA A 1 29 ? -0.184  -3.562  -4.056  1.00 24.87 ? 29  ALA A CB  1 
ATOM   210 N N   . ALA A 1 30 ? 2.143   -1.820  -3.086  1.00 20.89 ? 30  ALA A N   1 
ATOM   211 C CA  . ALA A 1 30 ? 3.214   -0.857  -3.333  1.00 20.26 ? 30  ALA A CA  1 
ATOM   212 C C   . ALA A 1 30 ? 4.509   -1.280  -2.672  1.00 20.61 ? 30  ALA A C   1 
ATOM   213 O O   . ALA A 1 30 ? 5.578   -1.102  -3.243  1.00 21.85 ? 30  ALA A O   1 
ATOM   214 C CB  . ALA A 1 30 ? 2.800   0.518   -2.826  1.00 18.91 ? 30  ALA A CB  1 
ATOM   215 N N   . ARG A 1 31 ? 4.412   -1.812  -1.458  1.00 21.27 ? 31  ARG A N   1 
ATOM   216 C CA  . ARG A 1 31 ? 5.584   -2.275  -0.714  1.00 21.86 ? 31  ARG A CA  1 
ATOM   217 C C   . ARG A 1 31 ? 6.261   -3.369  -1.543  1.00 20.71 ? 31  ARG A C   1 
ATOM   218 O O   . ARG A 1 31 ? 7.479   -3.374  -1.725  1.00 17.72 ? 31  ARG A O   1 
ATOM   219 C CB  . ARG A 1 31 ? 5.146   -2.844  0.644   1.00 24.01 ? 31  ARG A CB  1 
ATOM   220 C CG  . ARG A 1 31 ? 6.297   -3.299  1.525   1.00 29.75 ? 31  ARG A CG  1 
ATOM   221 C CD  . ARG A 1 31 ? 7.079   -2.117  2.020   1.00 31.45 ? 31  ARG A CD  1 
ATOM   222 N NE  . ARG A 1 31 ? 6.853   -1.862  3.437   1.00 37.65 ? 31  ARG A NE  1 
ATOM   223 C CZ  . ARG A 1 31 ? 7.488   -2.494  4.419   1.00 37.93 ? 31  ARG A CZ  1 
ATOM   224 N NH1 . ARG A 1 31 ? 8.395   -3.425  4.138   1.00 39.08 ? 31  ARG A NH1 1 
ATOM   225 N NH2 . ARG A 1 31 ? 7.225   -2.189  5.683   1.00 40.11 ? 31  ARG A NH2 1 
ATOM   226 N N   . SER A 1 32 ? 5.451   -4.299  -2.037  1.00 19.73 ? 32  SER A N   1 
ATOM   227 C CA  . SER A 1 32 ? 5.916   -5.401  -2.878  1.00 21.17 ? 32  SER A CA  1 
ATOM   228 C C   . SER A 1 32 ? 6.596   -4.921  -4.176  1.00 20.74 ? 32  SER A C   1 
ATOM   229 O O   . SER A 1 32 ? 7.738   -5.292  -4.481  1.00 22.50 ? 32  SER A O   1 
ATOM   230 C CB  . SER A 1 32 ? 4.711   -6.300  -3.230  1.00 20.73 ? 32  SER A CB  1 
ATOM   231 O OG  . SER A 1 32 ? 5.076   -7.349  -4.121  1.00 25.87 ? 32  SER A OG  1 
ATOM   232 N N   . ASP A 1 33 ? 5.877   -4.106  -4.940  1.00 20.83 ? 33  ASP A N   1 
ATOM   233 C CA  . ASP A 1 33 ? 6.355   -3.578  -6.203  1.00 21.35 ? 33  ASP A CA  1 
ATOM   234 C C   . ASP A 1 33 ? 7.658   -2.814  -5.991  1.00 19.89 ? 33  ASP A C   1 
ATOM   235 O O   . ASP A 1 33 ? 8.592   -2.948  -6.770  1.00 20.17 ? 33  ASP A O   1 
ATOM   236 C CB  . ASP A 1 33 ? 5.293   -2.651  -6.811  1.00 26.28 ? 33  ASP A CB  1 
ATOM   237 C CG  . ASP A 1 33 ? 4.252   -3.404  -7.619  1.00 29.73 ? 33  ASP A CG  1 
ATOM   238 O OD1 . ASP A 1 33 ? 4.312   -3.335  -8.868  1.00 32.30 ? 33  ASP A OD1 1 
ATOM   239 O OD2 . ASP A 1 33 ? 3.381   -4.066  -7.017  1.00 31.13 ? 33  ASP A OD2 1 
ATOM   240 N N   . ALA A 1 34 ? 7.711   -2.017  -4.928  1.00 18.62 ? 34  ALA A N   1 
ATOM   241 C CA  . ALA A 1 34 ? 8.916   -1.231  -4.637  1.00 19.89 ? 34  ALA A CA  1 
ATOM   242 C C   . ALA A 1 34 ? 10.103  -2.118  -4.317  1.00 20.36 ? 34  ALA A C   1 
ATOM   243 O O   . ALA A 1 34 ? 11.240  -1.828  -4.702  1.00 19.10 ? 34  ALA A O   1 
ATOM   244 C CB  . ALA A 1 34 ? 8.655   -0.284  -3.479  1.00 18.05 ? 34  ALA A CB  1 
ATOM   245 N N   . GLN A 1 35 ? 9.847   -3.198  -3.586  1.00 21.74 ? 35  GLN A N   1 
ATOM   246 C CA  . GLN A 1 35 ? 10.903  -4.134  -3.218  1.00 23.94 ? 35  GLN A CA  1 
ATOM   247 C C   . GLN A 1 35 ? 11.500  -4.770  -4.469  1.00 23.58 ? 35  GLN A C   1 
ATOM   248 O O   . GLN A 1 35 ? 12.721  -4.884  -4.607  1.00 24.78 ? 35  GLN A O   1 
ATOM   249 C CB  . GLN A 1 35 ? 10.332  -5.244  -2.332  1.00 26.82 ? 35  GLN A CB  1 
ATOM   250 C CG  . GLN A 1 35 ? 11.374  -6.255  -1.874  1.00 31.82 ? 35  GLN A CG  1 
ATOM   251 C CD  . GLN A 1 35 ? 12.126  -5.788  -0.647  1.00 33.70 ? 35  GLN A CD  1 
ATOM   252 O OE1 . GLN A 1 35 ? 12.789  -4.748  -0.661  1.00 35.50 ? 35  GLN A OE1 1 
ATOM   253 N NE2 . GLN A 1 35 ? 12.021  -6.557  0.433   1.00 37.06 ? 35  GLN A NE2 1 
ATOM   254 N N   . ALA A 1 36 ? 10.622  -5.198  -5.367  1.00 24.00 ? 36  ALA A N   1 
ATOM   255 C CA  . ALA A 1 36 ? 11.014  -5.839  -6.613  1.00 21.36 ? 36  ALA A CA  1 
ATOM   256 C C   . ALA A 1 36 ? 11.811  -4.863  -7.475  1.00 21.08 ? 36  ALA A C   1 
ATOM   257 O O   . ALA A 1 36 ? 12.867  -5.214  -8.012  1.00 20.26 ? 36  ALA A O   1 
ATOM   258 C CB  . ALA A 1 36 ? 9.761   -6.335  -7.363  1.00 22.94 ? 36  ALA A CB  1 
ATOM   259 N N   . ALA A 1 37 ? 11.317  -3.634  -7.584  1.00 20.11 ? 37  ALA A N   1 
ATOM   260 C CA  . ALA A 1 37 ? 12.003  -2.614  -8.386  1.00 19.52 ? 37  ALA A CA  1 
ATOM   261 C C   . ALA A 1 37 ? 13.355  -2.245  -7.809  1.00 20.30 ? 37  ALA A C   1 
ATOM   262 O O   . ALA A 1 37 ? 14.333  -2.067  -8.553  1.00 18.93 ? 37  ALA A O   1 
ATOM   263 C CB  . ALA A 1 37 ? 11.136  -1.362  -8.507  1.00 18.87 ? 37  ALA A CB  1 
ATOM   264 N N   . LYS A 1 38 ? 13.427  -2.132  -6.486  1.00 19.13 ? 38  LYS A N   1 
ATOM   265 C CA  . LYS A 1 38 ? 14.677  -1.762  -5.849  1.00 21.63 ? 38  LYS A CA  1 
ATOM   266 C C   . LYS A 1 38 ? 15.692  -2.875  -6.094  1.00 22.17 ? 38  LYS A C   1 
ATOM   267 O O   . LYS A 1 38 ? 16.876  -2.607  -6.287  1.00 21.56 ? 38  LYS A O   1 
ATOM   268 C CB  . LYS A 1 38 ? 14.465  -1.538  -4.350  1.00 23.04 ? 38  LYS A CB  1 
ATOM   269 C CG  . LYS A 1 38 ? 15.380  -0.468  -3.770  1.00 26.21 ? 38  LYS A CG  1 
ATOM   270 C CD  . LYS A 1 38 ? 15.037  -0.093  -2.330  1.00 29.48 ? 38  LYS A CD  1 
ATOM   271 C CE  . LYS A 1 38 ? 15.378  -1.210  -1.374  1.00 30.50 ? 38  LYS A CE  1 
ATOM   272 N NZ  . LYS A 1 38 ? 15.143  -0.802  0.038   1.00 31.81 ? 38  LYS A NZ  1 
ATOM   273 N N   . ASP A 1 39 ? 15.238  -4.125  -6.077  1.00 22.31 ? 39  ASP A N   1 
ATOM   274 C CA  . ASP A 1 39 ? 16.147  -5.236  -6.328  1.00 24.94 ? 39  ASP A CA  1 
ATOM   275 C C   . ASP A 1 39 ? 16.596  -5.269  -7.789  1.00 25.62 ? 39  ASP A C   1 
ATOM   276 O O   . ASP A 1 39 ? 17.776  -5.500  -8.077  1.00 25.81 ? 39  ASP A O   1 
ATOM   277 C CB  . ASP A 1 39 ? 15.497  -6.577  -5.989  1.00 28.87 ? 39  ASP A CB  1 
ATOM   278 C CG  . ASP A 1 39 ? 15.686  -6.962  -4.531  1.00 32.74 ? 39  ASP A CG  1 
ATOM   279 O OD1 . ASP A 1 39 ? 14.904  -6.494  -3.676  1.00 35.01 ? 39  ASP A OD1 1 
ATOM   280 O OD2 . ASP A 1 39 ? 16.637  -7.723  -4.248  1.00 35.77 ? 39  ASP A OD2 1 
ATOM   281 N N   . ASP A 1 40 ? 15.655  -5.033  -8.696  1.00 23.26 ? 40  ASP A N   1 
ATOM   282 C CA  . ASP A 1 40 ? 15.965  -5.075  -10.119 1.00 23.09 ? 40  ASP A CA  1 
ATOM   283 C C   . ASP A 1 40 ? 16.898  -3.929  -10.483 1.00 18.89 ? 40  ASP A C   1 
ATOM   284 O O   . ASP A 1 40 ? 17.780  -4.094  -11.315 1.00 19.21 ? 40  ASP A O   1 
ATOM   285 C CB  . ASP A 1 40 ? 14.696  -5.005  -10.964 1.00 23.99 ? 40  ASP A CB  1 
ATOM   286 C CG  . ASP A 1 40 ? 14.881  -5.640  -12.327 1.00 28.96 ? 40  ASP A CG  1 
ATOM   287 O OD1 . ASP A 1 40 ? 14.301  -5.131  -13.306 1.00 30.74 ? 40  ASP A OD1 1 
ATOM   288 O OD2 . ASP A 1 40 ? 15.611  -6.657  -12.419 1.00 31.90 ? 40  ASP A OD2 1 
ATOM   289 N N   . ALA A 1 41 ? 16.719  -2.770  -9.861  1.00 20.18 ? 41  ALA A N   1 
ATOM   290 C CA  . ALA A 1 41 ? 17.618  -1.646  -10.161 1.00 16.58 ? 41  ALA A CA  1 
ATOM   291 C C   . ALA A 1 41 ? 18.980  -1.939  -9.580  1.00 18.34 ? 41  ALA A C   1 
ATOM   292 O O   . ALA A 1 41 ? 20.000  -1.580  -10.155 1.00 16.76 ? 41  ALA A O   1 
ATOM   293 C CB  . ALA A 1 41 ? 17.092  -0.378  -9.579  1.00 16.45 ? 41  ALA A CB  1 
ATOM   294 N N   . ALA A 1 42 ? 19.010  -2.575  -8.407  1.00 17.28 ? 42  ALA A N   1 
ATOM   295 C CA  . ALA A 1 42 ? 20.270  -2.910  -7.787  1.00 18.21 ? 42  ALA A CA  1 
ATOM   296 C C   . ALA A 1 42 ? 21.020  -3.911  -8.667  1.00 17.86 ? 42  ALA A C   1 
ATOM   297 O O   . ALA A 1 42 ? 22.235  -3.872  -8.794  1.00 18.54 ? 42  ALA A O   1 
ATOM   298 C CB  . ALA A 1 42 ? 20.029  -3.499  -6.381  1.00 17.67 ? 42  ALA A CB  1 
ATOM   299 N N   . ARG A 1 43 ? 20.274  -4.805  -9.299  1.00 16.74 ? 43  ARG A N   1 
ATOM   300 C CA  . ARG A 1 43 ? 20.844  -5.806  -10.174 1.00 16.30 ? 43  ARG A CA  1 
ATOM   301 C C   . ARG A 1 43 ? 21.431  -5.153  -11.441 1.00 16.04 ? 43  ARG A C   1 
ATOM   302 O O   . ARG A 1 43 ? 22.523  -5.505  -11.895 1.00 15.82 ? 43  ARG A O   1 
ATOM   303 C CB  . ARG A 1 43 ? 19.759  -6.792  -10.577 1.00 20.01 ? 43  ARG A CB  1 
ATOM   304 C CG  . ARG A 1 43 ? 20.244  -7.918  -11.429 1.00 19.16 ? 43  ARG A CG  1 
ATOM   305 C CD  . ARG A 1 43 ? 19.114  -8.909  -11.651 1.00 22.59 ? 43  ARG A CD  1 
ATOM   306 N NE  . ARG A 1 43 ? 18.133  -8.456  -12.642 1.00 20.45 ? 43  ARG A NE  1 
ATOM   307 C CZ  . ARG A 1 43 ? 18.204  -8.753  -13.934 1.00 21.64 ? 43  ARG A CZ  1 
ATOM   308 N NH1 . ARG A 1 43 ? 19.210  -9.491  -14.386 1.00 23.32 ? 43  ARG A NH1 1 
ATOM   309 N NH2 . ARG A 1 43 ? 17.244  -8.369  -14.762 1.00 23.66 ? 43  ARG A NH2 1 
ATOM   310 N N   . ALA A 1 44 ? 20.702  -4.196  -11.991 1.00 15.01 ? 44  ALA A N   1 
ATOM   311 C CA  . ALA A 1 44 ? 21.178  -3.535  -13.203 1.00 12.42 ? 44  ALA A CA  1 
ATOM   312 C C   . ALA A 1 44 ? 22.460  -2.794  -12.855 1.00 13.08 ? 44  ALA A C   1 
ATOM   313 O O   . ALA A 1 44 ? 23.420  -2.790  -13.635 1.00 11.20 ? 44  ALA A O   1 
ATOM   314 C CB  . ALA A 1 44 ? 20.129  -2.563  -13.725 1.00 15.05 ? 44  ALA A CB  1 
ATOM   315 N N   . ASN A 1 45 ? 22.502  -2.138  -11.692 1.00 11.49 ? 45  ASN A N   1 
ATOM   316 C CA  . ASN A 1 45 ? 23.723  -1.396  -11.343 1.00 12.98 ? 45  ASN A CA  1 
ATOM   317 C C   . ASN A 1 45 ? 24.932  -2.263  -11.071 1.00 13.47 ? 45  ASN A C   1 
ATOM   318 O O   . ASN A 1 45 ? 26.064  -1.833  -11.315 1.00 15.22 ? 45  ASN A O   1 
ATOM   319 C CB  . ASN A 1 45 ? 23.464  -0.435  -10.185 1.00 14.62 ? 45  ASN A CB  1 
ATOM   320 C CG  . ASN A 1 45 ? 22.812  0.842   -10.661 1.00 16.45 ? 45  ASN A CG  1 
ATOM   321 O OD1 . ASN A 1 45 ? 23.373  1.574   -11.501 1.00 14.61 ? 45  ASN A OD1 1 
ATOM   322 N ND2 . ASN A 1 45 ? 21.613  1.117   -10.161 1.00 17.01 ? 45  ASN A ND2 1 
ATOM   323 N N   . GLN A 1 46 ? 24.686  -3.470  -10.559 1.00 14.44 ? 46  GLN A N   1 
ATOM   324 C CA  . GLN A 1 46 ? 25.752  -4.444  -10.304 1.00 17.35 ? 46  GLN A CA  1 
ATOM   325 C C   . GLN A 1 46 ? 26.352  -4.884  -11.632 1.00 18.23 ? 46  GLN A C   1 
ATOM   326 O O   . GLN A 1 46 ? 27.577  -4.996  -11.774 1.00 17.01 ? 46  GLN A O   1 
ATOM   327 C CB  . GLN A 1 46 ? 25.190  -5.675  -9.596  1.00 21.20 ? 46  GLN A CB  1 
ATOM   328 C CG  . GLN A 1 46 ? 25.490  -5.740  -8.122  1.00 25.03 ? 46  GLN A CG  1 
ATOM   329 C CD  . GLN A 1 46 ? 24.952  -7.013  -7.479  1.00 26.32 ? 46  GLN A CD  1 
ATOM   330 O OE1 . GLN A 1 46 ? 25.048  -7.198  -6.262  1.00 28.79 ? 46  GLN A OE1 1 
ATOM   331 N NE2 . GLN A 1 46 ? 24.389  -7.899  -8.294  1.00 26.00 ? 46  GLN A NE2 1 
ATOM   332 N N   . ARG A 1 47 ? 25.480  -5.141  -12.602 1.00 15.47 ? 47  ARG A N   1 
ATOM   333 C CA  . ARG A 1 47 ? 25.898  -5.584  -13.921 1.00 15.63 ? 47  ARG A CA  1 
ATOM   334 C C   . ARG A 1 47 ? 26.735  -4.496  -14.562 1.00 15.19 ? 47  ARG A C   1 
ATOM   335 O O   . ARG A 1 47 ? 27.740  -4.765  -15.217 1.00 16.35 ? 47  ARG A O   1 
ATOM   336 C CB  . ARG A 1 47 ? 24.674  -5.913  -14.758 1.00 15.05 ? 47  ARG A CB  1 
ATOM   337 C CG  . ARG A 1 47 ? 23.964  -7.164  -14.291 1.00 15.62 ? 47  ARG A CG  1 
ATOM   338 C CD  . ARG A 1 47 ? 22.659  -7.329  -15.030 1.00 13.05 ? 47  ARG A CD  1 
ATOM   339 N NE  . ARG A 1 47 ? 22.838  -7.723  -16.420 1.00 13.38 ? 47  ARG A NE  1 
ATOM   340 C CZ  . ARG A 1 47 ? 21.859  -7.800  -17.312 1.00 17.87 ? 47  ARG A CZ  1 
ATOM   341 N NH1 . ARG A 1 47 ? 20.609  -7.484  -16.969 1.00 15.85 ? 47  ARG A NH1 1 
ATOM   342 N NH2 . ARG A 1 47 ? 22.111  -8.239  -18.543 1.00 15.81 ? 47  ARG A NH2 1 
ATOM   343 N N   . LEU A 1 48 ? 26.320  -3.250  -14.378 1.00 10.96 ? 48  LEU A N   1 
ATOM   344 C CA  . LEU A 1 48 ? 27.097  -2.125  -14.911 1.00 10.50 ? 48  LEU A CA  1 
ATOM   345 C C   . LEU A 1 48 ? 28.440  -2.020  -14.219 1.00 15.50 ? 48  LEU A C   1 
ATOM   346 O O   . LEU A 1 48 ? 29.454  -1.719  -14.864 1.00 15.99 ? 48  LEU A O   1 
ATOM   347 C CB  . LEU A 1 48 ? 26.321  -0.812  -14.730 1.00 7.56  ? 48  LEU A CB  1 
ATOM   348 C CG  . LEU A 1 48 ? 25.219  -0.776  -15.777 1.00 10.20 ? 48  LEU A CG  1 
ATOM   349 C CD1 . LEU A 1 48 ? 24.123  0.172   -15.319 1.00 9.63  ? 48  LEU A CD1 1 
ATOM   350 C CD2 . LEU A 1 48 ? 25.772  -0.340  -17.119 1.00 9.72  ? 48  LEU A CD2 1 
ATOM   351 N N   . ASP A 1 49 ? 28.449  -2.219  -12.902 1.00 16.09 ? 49  ASP A N   1 
ATOM   352 C CA  . ASP A 1 49 ? 29.694  -2.131  -12.133 1.00 21.13 ? 49  ASP A CA  1 
ATOM   353 C C   . ASP A 1 49 ? 30.741  -3.112  -12.666 1.00 22.85 ? 49  ASP A C   1 
ATOM   354 O O   . ASP A 1 49 ? 31.943  -2.801  -12.691 1.00 24.26 ? 49  ASP A O   1 
ATOM   355 C CB  . ASP A 1 49 ? 29.433  -2.443  -10.646 1.00 20.40 ? 49  ASP A CB  1 
ATOM   356 C CG  . ASP A 1 49 ? 28.722  -1.326  -9.913  1.00 23.11 ? 49  ASP A CG  1 
ATOM   357 O OD1 . ASP A 1 49 ? 28.488  -0.252  -10.503 1.00 25.65 ? 49  ASP A OD1 1 
ATOM   358 O OD2 . ASP A 1 49 ? 28.399  -1.530  -8.717  1.00 24.86 ? 49  ASP A OD2 1 
ATOM   359 N N   . ASN A 1 50 ? 30.282  -4.286  -13.096 1.00 25.76 ? 50  ASN A N   1 
ATOM   360 C CA  . ASN A 1 50 ? 31.152  -5.343  -13.616 1.00 29.39 ? 50  ASN A CA  1 
ATOM   361 C C   . ASN A 1 50 ? 31.516  -5.142  -15.088 1.00 32.09 ? 50  ASN A C   1 
ATOM   362 O O   . ASN A 1 50 ? 32.274  -5.933  -15.671 1.00 33.70 ? 50  ASN A O   1 
ATOM   363 C CB  . ASN A 1 50 ? 30.483  -6.724  -13.471 1.00 30.38 ? 50  ASN A CB  1 
ATOM   364 C CG  . ASN A 1 50 ? 30.176  -7.101  -12.027 1.00 32.25 ? 50  ASN A CG  1 
ATOM   365 O OD1 . ASN A 1 50 ? 30.721  -6.528  -11.078 1.00 32.94 ? 50  ASN A OD1 1 
ATOM   366 N ND2 . ASN A 1 50 ? 29.302  -8.091  -11.859 1.00 32.16 ? 50  ASN A ND2 1 
ATOM   367 N N   . MET A 1 51 ? 30.982  -4.082  -15.681 1.00 34.06 ? 51  MET A N   1 
ATOM   368 C CA  . MET A 1 51 ? 31.217  -3.760  -17.086 1.00 36.39 ? 51  MET A CA  1 
ATOM   369 C C   . MET A 1 51 ? 32.640  -3.268  -17.361 1.00 37.21 ? 51  MET A C   1 
ATOM   370 O O   . MET A 1 51 ? 33.198  -3.558  -18.416 1.00 37.97 ? 51  MET A O   1 
ATOM   371 C CB  . MET A 1 51 ? 30.209  -2.700  -17.540 1.00 38.34 ? 51  MET A CB  1 
ATOM   372 C CG  . MET A 1 51 ? 29.915  -2.694  -19.023 1.00 40.90 ? 51  MET A CG  1 
ATOM   373 S SD  . MET A 1 51 ? 29.026  -4.176  -19.485 1.00 44.49 ? 51  MET A SD  1 
ATOM   374 C CE  . MET A 1 51 ? 27.427  -3.813  -18.847 1.00 42.77 ? 51  MET A CE  1 
ATOM   375 N N   . ALA A 1 52 ? 33.220  -2.515  -16.426 1.00 38.38 ? 52  ALA A N   1 
ATOM   376 C CA  . ALA A 1 52 ? 34.578  -1.993  -16.599 1.00 39.45 ? 52  ALA A CA  1 
ATOM   377 C C   . ALA A 1 52 ? 35.529  -3.139  -16.911 1.00 40.59 ? 52  ALA A C   1 
ATOM   378 O O   . ALA A 1 52 ? 36.369  -3.047  -17.814 1.00 41.56 ? 52  ALA A O   1 
ATOM   379 C CB  . ALA A 1 52 ? 35.029  -1.274  -15.336 1.00 39.91 ? 52  ALA A CB  1 
ATOM   380 N N   . THR A 1 53 ? 35.388  -4.223  -16.159 1.00 40.33 ? 53  THR A N   1 
ATOM   381 C CA  . THR A 1 53 ? 36.219  -5.402  -16.348 1.00 41.34 ? 53  THR A CA  1 
ATOM   382 C C   . THR A 1 53 ? 35.682  -6.228  -17.514 1.00 41.53 ? 53  THR A C   1 
ATOM   383 O O   . THR A 1 53 ? 36.496  -6.617  -18.381 1.00 41.61 ? 53  THR A O   1 
ATOM   384 C CB  . THR A 1 53 ? 36.237  -6.279  -15.084 1.00 41.76 ? 53  THR A CB  1 
ATOM   385 O OG1 . THR A 1 53 ? 34.906  -6.708  -14.783 1.00 43.34 ? 53  THR A OG1 1 
ATOM   386 C CG2 . THR A 1 53 ? 36.794  -5.499  -13.899 1.00 41.68 ? 53  THR A CG2 1 
HETATM 387 O O   . HOH B 2 .  ? -8.964  3.632   0.655   1.00 26.13 ? 101 HOH A O   1 
HETATM 388 O O   . HOH B 2 .  ? 12.000  -4.619  -12.855 1.00 23.68 ? 102 HOH A O   1 
HETATM 389 O O   . HOH B 2 .  ? 23.584  -2.041  -7.104  1.00 23.14 ? 103 HOH A O   1 
HETATM 390 O O   . HOH B 2 .  ? -31.911 15.568  17.548  1.00 24.85 ? 104 HOH A O   1 
HETATM 391 O O   . HOH B 2 .  ? -1.715  -6.300  -1.396  1.00 32.06 ? 105 HOH A O   1 
HETATM 392 O O   . HOH B 2 .  ? 8.456   -8.346  -4.193  1.00 29.89 ? 106 HOH A O   1 
HETATM 393 O O   . HOH B 2 .  ? -11.071 3.161   -1.114  1.00 45.19 ? 107 HOH A O   1 
HETATM 394 O O   . HOH B 2 .  ? -21.228 6.410   5.946   1.00 33.42 ? 108 HOH A O   1 
HETATM 395 O O   . HOH B 2 .  ? 21.994  -10.592 -12.896 1.00 35.72 ? 109 HOH A O   1 
HETATM 396 O O   . HOH B 2 .  ? -17.049 -2.224  5.461   1.00 37.01 ? 110 HOH A O   1 
HETATM 397 O O   . HOH B 2 .  ? 22.012  -9.288  -8.063  1.00 46.94 ? 111 HOH A O   1 
HETATM 398 O O   . HOH B 2 .  ? -28.781 8.707   11.028  1.00 34.74 ? 112 HOH A O   1 
HETATM 399 O O   . HOH B 2 .  ? 15.333  -8.618  -10.562 1.00 37.80 ? 113 HOH A O   1 
HETATM 400 O O   . HOH B 2 .  ? 21.653  -11.142 -10.520 1.00 42.52 ? 114 HOH A O   1 
HETATM 401 O O   . HOH B 2 .  ? -16.072 2.632   1.366   1.00 40.11 ? 115 HOH A O   1 
HETATM 402 O O   . HOH B 2 .  ? 13.912  -8.920  -2.160  1.00 34.38 ? 116 HOH A O   1 
HETATM 403 O O   . HOH B 2 .  ? -6.065  3.352   -0.936  1.00 35.69 ? 117 HOH A O   1 
HETATM 404 O O   . HOH B 2 .  ? 3.149   -0.785  -8.413  1.00 36.63 ? 118 HOH A O   1 
HETATM 405 O O   . HOH B 2 .  ? 35.043  -3.964  -20.997 1.00 38.29 ? 119 HOH A O   1 
HETATM 406 O O   . HOH B 2 .  ? -21.955 1.567   5.672   1.00 41.16 ? 120 HOH A O   1 
HETATM 407 O O   . HOH B 2 .  ? -15.670 -3.872  4.141   1.00 36.28 ? 121 HOH A O   1 
HETATM 408 O O   . HOH B 2 .  ? -10.800 -8.295  3.868   1.00 36.18 ? 122 HOH A O   1 
HETATM 409 O O   . HOH B 2 .  ? -8.802  -6.395  2.630   1.00 48.35 ? 123 HOH A O   1 
HETATM 410 O O   . HOH B 2 .  ? -32.253 8.753   20.886  1.00 36.14 ? 124 HOH A O   1 
HETATM 411 O O   . HOH B 2 .  ? 25.536  -7.795  -18.659 1.00 41.02 ? 125 HOH A O   1 
HETATM 412 O O   . HOH B 2 .  ? 26.566  -6.415  -20.675 1.00 43.11 ? 126 HOH A O   1 
HETATM 413 O O   . HOH B 2 .  ? -26.276 2.780   10.095  1.00 30.88 ? 127 HOH A O   1 
HETATM 414 O O   . HOH B 2 .  ? -25.732 12.614  12.952  1.00 40.43 ? 128 HOH A O   1 
HETATM 415 O O   . HOH B 2 .  ? -24.329 -0.065  6.398   1.00 43.98 ? 129 HOH A O   1 
HETATM 416 O O   . HOH B 2 .  ? 34.548  -4.118  -12.626 1.00 47.45 ? 130 HOH A O   1 
HETATM 417 O O   . HOH B 2 .  ? -27.318 0.753   11.385  1.00 35.80 ? 131 HOH A O   1 
HETATM 418 O O   . HOH B 2 .  ? 22.860  0.331   -6.873  1.00 40.46 ? 132 HOH A O   1 
HETATM 419 O O   . HOH B 2 .  ? 31.334  -5.153  -22.052 1.00 48.27 ? 133 HOH A O   1 
HETATM 420 O O   . HOH B 2 .  ? -18.719 -2.878  7.667   1.00 49.20 ? 134 HOH A O   1 
HETATM 421 O O   . HOH B 2 .  ? 33.967  -6.634  -20.251 1.00 35.57 ? 135 HOH A O   1 
HETATM 422 O O   . HOH B 2 .  ? -27.600 4.350   8.295   1.00 40.95 ? 136 HOH A O   1 
HETATM 423 O O   . HOH B 2 .  ? -26.695 11.455  10.317  1.00 37.00 ? 137 HOH A O   1 
HETATM 424 O O   . HOH B 2 .  ? 28.738  -9.409  -14.023 1.00 38.22 ? 138 HOH A O   1 
HETATM 425 O O   . HOH B 2 .  ? -6.906  -5.994  5.185   1.00 49.27 ? 139 HOH A O   1 
HETATM 426 O O   . HOH B 2 .  ? -20.781 -0.447  12.001  1.00 35.66 ? 140 HOH A O   1 
HETATM 427 O O   . HOH B 2 .  ? 38.285  -4.881  -21.023 1.00 41.52 ? 141 HOH A O   1 
# 
